data_2LP0
#
_entry.id   2LP0
#
loop_
_entity.id
_entity.type
_entity.pdbx_description
1 polymer 'Homeobox protein Hox-C9'
2 polymer Geminin
#
loop_
_entity_poly.entity_id
_entity_poly.type
_entity_poly.pdbx_seq_one_letter_code
_entity_poly.pdbx_strand_id
1 'polypeptide(L)' TRKKRCPYTKYQTLELEKEFLFNMYLTRDRRYEVARVLNLTERQVKIWFQNRRMKMKKMN A
2 'polypeptide(L)' NQEFDSEEETVEDSLVEDSE B
#
# COMPACT_ATOMS: atom_id res chain seq x y z
N THR A 1 -9.71 -4.31 -3.92
CA THR A 1 -9.20 -3.42 -4.98
C THR A 1 -8.94 -4.20 -6.26
N ARG A 2 -9.78 -3.98 -7.26
CA ARG A 2 -9.62 -4.65 -8.54
C ARG A 2 -9.43 -3.62 -9.64
N LYS A 3 -8.97 -2.45 -9.25
CA LYS A 3 -8.74 -1.36 -10.18
C LYS A 3 -7.28 -0.92 -10.08
N LYS A 4 -6.53 -1.13 -11.16
CA LYS A 4 -5.12 -0.76 -11.24
C LYS A 4 -4.26 -1.63 -10.33
N ARG A 5 -4.17 -1.21 -9.11
CA ARG A 5 -3.39 -1.89 -8.08
C ARG A 5 -3.86 -3.33 -7.89
N CYS A 6 -2.92 -4.22 -7.62
CA CYS A 6 -3.22 -5.63 -7.41
C CYS A 6 -4.02 -5.82 -6.13
N PRO A 7 -5.01 -6.72 -6.15
CA PRO A 7 -5.84 -7.01 -4.98
C PRO A 7 -5.07 -7.70 -3.86
N TYR A 8 -4.85 -6.98 -2.76
CA TYR A 8 -4.13 -7.52 -1.63
C TYR A 8 -4.95 -8.59 -0.93
N THR A 9 -4.27 -9.63 -0.50
CA THR A 9 -4.90 -10.74 0.18
C THR A 9 -5.25 -10.36 1.62
N LYS A 10 -5.98 -11.23 2.30
CA LYS A 10 -6.39 -10.98 3.68
C LYS A 10 -5.16 -10.82 4.58
N TYR A 11 -4.25 -11.77 4.48
CA TYR A 11 -3.02 -11.77 5.29
C TYR A 11 -2.24 -10.48 5.08
N GLN A 12 -2.11 -10.05 3.83
CA GLN A 12 -1.38 -8.84 3.50
C GLN A 12 -2.07 -7.62 4.08
N THR A 13 -3.36 -7.52 3.84
CA THR A 13 -4.16 -6.41 4.33
C THR A 13 -4.15 -6.35 5.86
N LEU A 14 -4.31 -7.50 6.50
CA LEU A 14 -4.33 -7.58 7.96
C LEU A 14 -3.02 -7.08 8.57
N GLU A 15 -1.90 -7.55 8.02
CA GLU A 15 -0.59 -7.16 8.52
C GLU A 15 -0.39 -5.66 8.38
N LEU A 16 -0.65 -5.14 7.18
CA LEU A 16 -0.51 -3.72 6.91
C LEU A 16 -1.44 -2.90 7.79
N GLU A 17 -2.64 -3.42 8.01
CA GLU A 17 -3.64 -2.75 8.82
C GLU A 17 -3.19 -2.67 10.27
N LYS A 18 -2.76 -3.81 10.81
CA LYS A 18 -2.34 -3.87 12.20
C LYS A 18 -1.08 -3.04 12.43
N GLU A 19 -0.12 -3.14 11.51
CA GLU A 19 1.12 -2.39 11.64
C GLU A 19 0.88 -0.89 11.64
N PHE A 20 0.02 -0.43 10.73
CA PHE A 20 -0.27 1.00 10.63
C PHE A 20 -1.09 1.48 11.82
N LEU A 21 -2.04 0.67 12.26
CA LEU A 21 -2.88 1.01 13.39
C LEU A 21 -2.07 1.06 14.68
N PHE A 22 -1.16 0.10 14.81
CA PHE A 22 -0.30 0.00 15.99
C PHE A 22 0.80 1.05 15.94
N ASN A 23 1.47 1.12 14.81
CA ASN A 23 2.57 2.05 14.60
C ASN A 23 2.28 2.90 13.37
N MET A 24 1.73 4.07 13.61
CA MET A 24 1.39 5.01 12.55
C MET A 24 2.62 5.39 11.72
N TYR A 25 3.78 5.27 12.33
CA TYR A 25 5.02 5.56 11.66
C TYR A 25 5.99 4.40 11.81
N LEU A 26 6.82 4.26 10.80
CA LEU A 26 7.79 3.18 10.76
C LEU A 26 9.13 3.71 10.31
N THR A 27 10.14 2.89 10.48
CA THR A 27 11.49 3.23 10.10
C THR A 27 11.80 2.66 8.72
N ARG A 28 12.93 3.06 8.17
CA ARG A 28 13.35 2.60 6.86
C ARG A 28 13.53 1.08 6.82
N ASP A 29 14.29 0.57 7.78
CA ASP A 29 14.57 -0.86 7.87
C ASP A 29 13.31 -1.65 8.15
N ARG A 30 12.49 -1.15 9.06
CA ARG A 30 11.25 -1.82 9.41
C ARG A 30 10.33 -1.88 8.20
N ARG A 31 10.25 -0.79 7.46
CA ARG A 31 9.42 -0.73 6.27
C ARG A 31 9.94 -1.71 5.23
N TYR A 32 11.26 -1.76 5.09
CA TYR A 32 11.89 -2.66 4.15
C TYR A 32 11.64 -4.11 4.56
N GLU A 33 11.66 -4.35 5.87
CA GLU A 33 11.42 -5.68 6.40
C GLU A 33 9.98 -6.11 6.13
N VAL A 34 9.05 -5.24 6.49
CA VAL A 34 7.64 -5.50 6.25
C VAL A 34 7.40 -5.78 4.77
N ALA A 35 8.01 -4.95 3.92
CA ALA A 35 7.89 -5.11 2.48
C ALA A 35 8.51 -6.44 2.04
N ARG A 36 9.66 -6.76 2.63
CA ARG A 36 10.38 -8.00 2.32
C ARG A 36 9.51 -9.20 2.68
N VAL A 37 8.95 -9.14 3.87
CA VAL A 37 8.08 -10.20 4.37
C VAL A 37 6.87 -10.38 3.45
N LEU A 38 6.38 -9.27 2.91
CA LEU A 38 5.23 -9.30 2.02
C LEU A 38 5.65 -9.59 0.58
N ASN A 39 6.95 -9.84 0.40
CA ASN A 39 7.52 -10.14 -0.91
C ASN A 39 7.23 -9.03 -1.91
N LEU A 40 7.28 -7.80 -1.43
CA LEU A 40 7.03 -6.64 -2.26
C LEU A 40 8.06 -5.55 -2.00
N THR A 41 7.85 -4.41 -2.64
CA THR A 41 8.74 -3.28 -2.50
C THR A 41 8.32 -2.40 -1.33
N GLU A 42 9.21 -1.53 -0.90
CA GLU A 42 8.93 -0.62 0.21
C GLU A 42 7.81 0.32 -0.19
N ARG A 43 7.76 0.60 -1.49
CA ARG A 43 6.75 1.47 -2.07
C ARG A 43 5.36 0.92 -1.78
N GLN A 44 5.23 -0.41 -1.80
CA GLN A 44 3.95 -1.03 -1.54
C GLN A 44 3.43 -0.65 -0.16
N VAL A 45 4.34 -0.64 0.81
CA VAL A 45 3.99 -0.32 2.18
C VAL A 45 3.80 1.19 2.35
N LYS A 46 4.74 1.94 1.80
CA LYS A 46 4.72 3.41 1.87
C LYS A 46 3.42 3.98 1.30
N ILE A 47 3.04 3.50 0.14
CA ILE A 47 1.83 3.97 -0.51
C ILE A 47 0.56 3.43 0.15
N TRP A 48 0.62 2.20 0.67
CA TRP A 48 -0.55 1.62 1.31
C TRP A 48 -0.95 2.43 2.53
N PHE A 49 0.04 2.84 3.31
CA PHE A 49 -0.19 3.62 4.50
C PHE A 49 -0.74 5.00 4.16
N GLN A 50 -0.21 5.56 3.11
CA GLN A 50 -0.64 6.87 2.65
C GLN A 50 -2.03 6.79 2.03
N ASN A 51 -2.28 5.68 1.32
CA ASN A 51 -3.56 5.44 0.68
C ASN A 51 -4.66 5.36 1.73
N ARG A 52 -4.31 4.81 2.88
CA ARG A 52 -5.25 4.68 3.99
C ARG A 52 -5.63 6.08 4.50
N ARG A 53 -4.62 6.93 4.64
CA ARG A 53 -4.83 8.31 5.09
C ARG A 53 -5.66 9.09 4.08
N MET A 54 -5.30 8.96 2.81
CA MET A 54 -6.02 9.66 1.74
C MET A 54 -7.46 9.15 1.65
N LYS A 55 -7.65 7.89 1.99
CA LYS A 55 -8.97 7.28 1.96
C LYS A 55 -9.83 7.81 3.09
N MET A 56 -9.17 8.15 4.19
CA MET A 56 -9.84 8.69 5.36
C MET A 56 -10.24 10.13 5.13
N LYS A 57 -9.37 10.86 4.45
CA LYS A 57 -9.58 12.27 4.16
C LYS A 57 -10.54 12.50 2.99
N LYS A 58 -10.27 11.85 1.87
CA LYS A 58 -11.10 12.03 0.68
C LYS A 58 -12.40 11.24 0.80
N MET A 59 -12.29 9.92 0.76
CA MET A 59 -13.45 9.05 0.87
C MET A 59 -13.81 8.82 2.33
N ASN A 60 -13.98 9.92 3.05
CA ASN A 60 -14.32 9.90 4.46
C ASN A 60 -15.62 9.13 4.69
N ASN B 1 5.30 -14.35 -15.75
CA ASN B 1 5.98 -14.71 -17.02
C ASN B 1 6.35 -13.46 -17.80
N GLN B 2 6.28 -12.30 -17.15
CA GLN B 2 6.62 -11.04 -17.80
C GLN B 2 7.12 -10.02 -16.78
N GLU B 3 7.79 -8.98 -17.26
CA GLU B 3 8.30 -7.94 -16.39
C GLU B 3 7.80 -6.58 -16.84
N PHE B 4 6.66 -6.58 -17.50
CA PHE B 4 6.07 -5.36 -17.99
C PHE B 4 5.32 -4.67 -16.86
N ASP B 5 4.09 -5.14 -16.59
CA ASP B 5 3.23 -4.59 -15.54
C ASP B 5 3.39 -3.08 -15.45
N SER B 6 4.06 -2.66 -14.39
CA SER B 6 4.35 -1.27 -14.11
C SER B 6 4.80 -1.13 -12.66
N GLU B 7 5.66 -0.17 -12.40
CA GLU B 7 6.18 0.08 -11.05
C GLU B 7 5.08 0.58 -10.13
N GLU B 8 3.97 0.95 -10.73
CA GLU B 8 2.83 1.46 -10.01
C GLU B 8 1.62 0.61 -10.30
N GLU B 9 1.85 -0.52 -10.94
CA GLU B 9 0.77 -1.43 -11.26
C GLU B 9 0.44 -2.27 -10.05
N THR B 10 1.49 -2.59 -9.34
CA THR B 10 1.38 -3.38 -8.12
C THR B 10 1.07 -2.47 -6.95
N VAL B 11 1.48 -1.22 -7.12
CA VAL B 11 1.26 -0.20 -6.10
C VAL B 11 0.73 1.08 -6.72
N GLU B 12 -0.58 1.14 -6.87
CA GLU B 12 -1.24 2.31 -7.42
C GLU B 12 -1.62 3.26 -6.29
N ASP B 13 -1.63 4.55 -6.56
CA ASP B 13 -1.98 5.54 -5.55
C ASP B 13 -3.04 6.50 -6.08
N SER B 14 -4.11 5.93 -6.61
CA SER B 14 -5.22 6.73 -7.14
C SER B 14 -6.56 6.05 -6.86
N LEU B 15 -6.54 5.04 -6.00
CA LEU B 15 -7.74 4.30 -5.63
C LEU B 15 -8.76 5.21 -4.94
N VAL B 16 -8.27 6.27 -4.32
CA VAL B 16 -9.14 7.21 -3.63
C VAL B 16 -9.15 8.53 -4.39
N GLU B 17 -9.97 8.58 -5.43
CA GLU B 17 -10.07 9.77 -6.25
C GLU B 17 -11.28 10.61 -5.81
N ASP B 18 -12.20 9.97 -5.10
CA ASP B 18 -13.40 10.63 -4.62
C ASP B 18 -13.09 11.54 -3.44
N SER B 19 -13.00 12.81 -3.72
CA SER B 19 -12.71 13.81 -2.70
C SER B 19 -13.99 14.23 -1.96
N GLU B 20 -14.94 14.77 -2.71
CA GLU B 20 -16.23 15.23 -2.18
C GLU B 20 -16.04 16.08 -0.93
N THR A 1 4.19 -2.75 -14.61
CA THR A 1 3.61 -2.34 -15.91
C THR A 1 2.14 -1.96 -15.76
N ARG A 2 1.81 -0.75 -16.24
CA ARG A 2 0.45 -0.21 -16.18
C ARG A 2 0.06 0.14 -14.76
N LYS A 3 -0.42 1.37 -14.57
CA LYS A 3 -0.84 1.83 -13.25
C LYS A 3 -2.09 1.09 -12.78
N LYS A 4 -1.87 0.00 -12.06
CA LYS A 4 -2.98 -0.80 -11.55
C LYS A 4 -2.79 -1.05 -10.07
N ARG A 5 -3.80 -1.61 -9.44
CA ARG A 5 -3.76 -1.92 -8.02
C ARG A 5 -3.38 -3.39 -7.84
N CYS A 6 -2.34 -3.65 -7.05
CA CYS A 6 -1.90 -5.01 -6.81
C CYS A 6 -3.01 -5.81 -6.16
N PRO A 7 -3.20 -7.06 -6.60
CA PRO A 7 -4.23 -7.94 -6.06
C PRO A 7 -3.80 -8.58 -4.74
N TYR A 8 -3.66 -7.77 -3.71
CA TYR A 8 -3.27 -8.26 -2.41
C TYR A 8 -4.48 -8.87 -1.72
N THR A 9 -4.24 -9.97 -1.05
CA THR A 9 -5.28 -10.69 -0.34
C THR A 9 -5.72 -9.97 0.93
N LYS A 10 -6.83 -10.43 1.50
CA LYS A 10 -7.37 -9.86 2.73
C LYS A 10 -6.35 -9.96 3.85
N TYR A 11 -5.68 -11.12 3.93
CA TYR A 11 -4.65 -11.36 4.93
C TYR A 11 -3.57 -10.28 4.86
N GLN A 12 -3.09 -10.04 3.65
CA GLN A 12 -2.06 -9.04 3.42
C GLN A 12 -2.57 -7.66 3.82
N THR A 13 -3.79 -7.36 3.41
CA THR A 13 -4.43 -6.08 3.72
C THR A 13 -4.60 -5.88 5.23
N LEU A 14 -5.14 -6.90 5.89
CA LEU A 14 -5.37 -6.83 7.34
C LEU A 14 -4.07 -6.72 8.12
N GLU A 15 -3.03 -7.39 7.64
CA GLU A 15 -1.72 -7.34 8.30
C GLU A 15 -1.14 -5.94 8.21
N LEU A 16 -1.12 -5.39 7.00
CA LEU A 16 -0.61 -4.05 6.78
C LEU A 16 -1.41 -3.03 7.57
N GLU A 17 -2.73 -3.22 7.59
CA GLU A 17 -3.64 -2.35 8.32
C GLU A 17 -3.34 -2.41 9.81
N LYS A 18 -3.19 -3.62 10.32
CA LYS A 18 -2.89 -3.84 11.73
C LYS A 18 -1.61 -3.12 12.12
N GLU A 19 -0.62 -3.14 11.24
CA GLU A 19 0.64 -2.46 11.49
C GLU A 19 0.44 -0.96 11.43
N PHE A 20 -0.28 -0.51 10.40
CA PHE A 20 -0.55 0.91 10.21
C PHE A 20 -1.26 1.53 11.41
N LEU A 21 -2.08 0.73 12.08
CA LEU A 21 -2.80 1.19 13.26
C LEU A 21 -1.87 1.24 14.47
N PHE A 22 -1.05 0.21 14.58
CA PHE A 22 -0.10 0.08 15.67
C PHE A 22 1.03 1.09 15.54
N ASN A 23 1.61 1.14 14.36
CA ASN A 23 2.71 2.02 14.06
C ASN A 23 2.43 2.82 12.79
N MET A 24 1.97 4.04 12.99
CA MET A 24 1.64 4.93 11.89
C MET A 24 2.92 5.38 11.18
N TYR A 25 4.00 5.47 11.94
CA TYR A 25 5.27 5.88 11.40
C TYR A 25 6.22 4.70 11.33
N LEU A 26 7.14 4.76 10.39
CA LEU A 26 8.10 3.73 10.17
C LEU A 26 9.44 4.32 9.74
N THR A 27 10.43 3.48 9.71
CA THR A 27 11.77 3.88 9.30
C THR A 27 12.12 3.20 7.98
N ARG A 28 13.23 3.59 7.37
CA ARG A 28 13.64 3.01 6.10
C ARG A 28 13.93 1.52 6.23
N ASP A 29 14.77 1.17 7.19
CA ASP A 29 15.15 -0.22 7.43
C ASP A 29 13.95 -1.04 7.87
N ARG A 30 13.15 -0.45 8.75
CA ARG A 30 11.96 -1.10 9.26
C ARG A 30 10.97 -1.36 8.12
N ARG A 31 10.81 -0.38 7.25
CA ARG A 31 9.91 -0.49 6.11
C ARG A 31 10.36 -1.63 5.20
N TYR A 32 11.65 -1.68 4.91
CA TYR A 32 12.19 -2.73 4.06
C TYR A 32 12.02 -4.09 4.75
N GLU A 33 12.20 -4.11 6.06
CA GLU A 33 12.06 -5.34 6.84
C GLU A 33 10.62 -5.81 6.79
N VAL A 34 9.70 -4.93 7.15
CA VAL A 34 8.28 -5.24 7.13
C VAL A 34 7.87 -5.74 5.76
N ALA A 35 8.37 -5.07 4.72
CA ALA A 35 8.08 -5.45 3.35
C ALA A 35 8.64 -6.84 3.04
N ARG A 36 9.87 -7.09 3.48
CA ARG A 36 10.54 -8.36 3.26
C ARG A 36 9.87 -9.48 4.04
N VAL A 37 9.44 -9.15 5.26
CA VAL A 37 8.76 -10.10 6.13
C VAL A 37 7.48 -10.64 5.48
N LEU A 38 6.84 -9.81 4.66
CA LEU A 38 5.62 -10.22 4.01
C LEU A 38 5.93 -10.67 2.59
N ASN A 39 5.81 -9.75 1.64
CA ASN A 39 6.09 -10.02 0.24
C ASN A 39 5.95 -8.73 -0.56
N LEU A 40 6.51 -7.66 -0.02
CA LEU A 40 6.45 -6.36 -0.67
C LEU A 40 7.81 -5.69 -0.67
N THR A 41 7.83 -4.45 -1.14
CA THR A 41 9.03 -3.64 -1.17
C THR A 41 8.76 -2.35 -0.42
N GLU A 42 9.76 -1.50 -0.31
CA GLU A 42 9.60 -0.24 0.40
C GLU A 42 8.52 0.61 -0.26
N ARG A 43 8.53 0.67 -1.58
CA ARG A 43 7.55 1.46 -2.30
C ARG A 43 6.15 0.86 -2.18
N GLN A 44 6.06 -0.47 -2.17
CA GLN A 44 4.78 -1.14 -2.07
C GLN A 44 4.13 -0.83 -0.72
N VAL A 45 4.93 -0.76 0.32
CA VAL A 45 4.43 -0.47 1.66
C VAL A 45 4.13 1.02 1.81
N LYS A 46 5.04 1.85 1.32
CA LYS A 46 4.89 3.30 1.43
C LYS A 46 3.62 3.81 0.76
N ILE A 47 3.36 3.35 -0.45
CA ILE A 47 2.17 3.79 -1.18
C ILE A 47 0.90 3.25 -0.54
N TRP A 48 0.96 2.02 -0.05
CA TRP A 48 -0.19 1.40 0.60
C TRP A 48 -0.59 2.20 1.84
N PHE A 49 0.41 2.50 2.67
CA PHE A 49 0.19 3.23 3.90
C PHE A 49 -0.24 4.66 3.62
N GLN A 50 0.28 5.21 2.55
CA GLN A 50 -0.04 6.57 2.16
C GLN A 50 -1.45 6.65 1.59
N ASN A 51 -1.78 5.68 0.73
CA ASN A 51 -3.09 5.62 0.11
C ASN A 51 -4.18 5.37 1.13
N ARG A 52 -3.97 4.38 2.00
CA ARG A 52 -4.97 4.04 3.01
C ARG A 52 -5.20 5.22 3.96
N ARG A 53 -4.13 5.97 4.23
CA ARG A 53 -4.22 7.13 5.11
C ARG A 53 -5.18 8.17 4.55
N MET A 54 -4.92 8.62 3.33
CA MET A 54 -5.78 9.63 2.71
C MET A 54 -7.15 9.06 2.41
N LYS A 55 -7.20 7.77 2.09
CA LYS A 55 -8.45 7.09 1.77
C LYS A 55 -9.41 7.17 2.95
N MET A 56 -8.87 6.90 4.12
CA MET A 56 -9.65 6.94 5.35
C MET A 56 -10.21 8.33 5.60
N LYS A 57 -9.37 9.32 5.42
CA LYS A 57 -9.77 10.70 5.66
C LYS A 57 -10.86 11.19 4.71
N LYS A 58 -10.69 10.94 3.41
CA LYS A 58 -11.68 11.38 2.42
C LYS A 58 -12.94 10.52 2.41
N MET A 59 -12.86 9.32 2.98
CA MET A 59 -14.01 8.42 3.01
C MET A 59 -13.80 7.35 4.09
N ASN A 60 -14.30 7.64 5.27
CA ASN A 60 -14.19 6.73 6.40
C ASN A 60 -15.55 6.12 6.72
N ASN B 1 3.76 -19.26 2.92
CA ASN B 1 3.67 -19.53 1.46
C ASN B 1 4.10 -18.31 0.67
N GLN B 2 4.94 -18.53 -0.33
CA GLN B 2 5.44 -17.45 -1.18
C GLN B 2 4.55 -17.27 -2.40
N GLU B 3 3.30 -17.70 -2.27
CA GLU B 3 2.33 -17.60 -3.35
C GLU B 3 1.75 -16.18 -3.41
N PHE B 4 2.49 -15.28 -4.02
CA PHE B 4 2.07 -13.90 -4.15
C PHE B 4 2.53 -13.31 -5.48
N ASP B 5 3.86 -13.25 -5.64
CA ASP B 5 4.48 -12.71 -6.86
C ASP B 5 4.08 -11.25 -7.08
N SER B 6 3.84 -10.55 -5.99
CA SER B 6 3.46 -9.15 -6.04
C SER B 6 4.31 -8.34 -5.08
N GLU B 7 5.63 -8.44 -5.22
CA GLU B 7 6.55 -7.71 -4.36
C GLU B 7 7.09 -6.49 -5.07
N GLU B 8 6.95 -6.51 -6.38
CA GLU B 8 7.41 -5.43 -7.23
C GLU B 8 6.29 -5.00 -8.17
N GLU B 9 5.06 -5.24 -7.74
CA GLU B 9 3.89 -4.91 -8.53
C GLU B 9 3.62 -3.40 -8.50
N THR B 10 2.52 -3.00 -9.12
CA THR B 10 2.16 -1.60 -9.17
C THR B 10 1.12 -1.28 -8.09
N VAL B 11 1.31 -0.15 -7.42
CA VAL B 11 0.38 0.28 -6.39
C VAL B 11 -0.35 1.52 -6.84
N GLU B 12 -1.49 1.34 -7.50
CA GLU B 12 -2.30 2.44 -7.99
C GLU B 12 -2.72 3.36 -6.86
N ASP B 13 -2.21 4.58 -6.87
CA ASP B 13 -2.55 5.55 -5.85
C ASP B 13 -3.86 6.24 -6.20
N SER B 14 -4.94 5.50 -6.01
CA SER B 14 -6.28 6.01 -6.29
C SER B 14 -6.70 6.98 -5.19
N LEU B 15 -7.09 8.18 -5.59
CA LEU B 15 -7.52 9.19 -4.64
C LEU B 15 -8.81 8.74 -3.96
N VAL B 16 -9.86 8.59 -4.75
CA VAL B 16 -11.15 8.16 -4.22
C VAL B 16 -11.68 6.99 -5.06
N GLU B 17 -11.30 5.79 -4.67
CA GLU B 17 -11.70 4.58 -5.36
C GLU B 17 -13.15 4.23 -5.02
N ASP B 18 -13.60 4.66 -3.84
CA ASP B 18 -14.97 4.42 -3.38
C ASP B 18 -15.18 2.92 -3.16
N SER B 19 -14.10 2.23 -2.82
CA SER B 19 -14.16 0.80 -2.60
C SER B 19 -14.15 0.47 -1.11
N GLU B 20 -13.17 1.02 -0.39
CA GLU B 20 -13.06 0.77 1.04
C GLU B 20 -12.68 2.05 1.78
N THR A 1 -9.50 -0.43 -6.46
CA THR A 1 -9.97 0.23 -7.69
C THR A 1 -9.29 -0.40 -8.91
N ARG A 2 -9.98 -0.39 -10.04
CA ARG A 2 -9.46 -0.95 -11.27
C ARG A 2 -8.51 0.03 -11.95
N LYS A 3 -7.64 -0.50 -12.81
CA LYS A 3 -6.66 0.29 -13.56
C LYS A 3 -5.51 0.76 -12.66
N LYS A 4 -5.86 1.28 -11.50
CA LYS A 4 -4.87 1.77 -10.55
C LYS A 4 -4.18 0.62 -9.81
N ARG A 5 -3.77 0.89 -8.57
CA ARG A 5 -3.09 -0.10 -7.74
C ARG A 5 -3.78 -1.46 -7.80
N CYS A 6 -2.97 -2.51 -7.94
CA CYS A 6 -3.49 -3.86 -8.03
C CYS A 6 -4.23 -4.25 -6.76
N PRO A 7 -5.36 -4.97 -6.89
CA PRO A 7 -6.17 -5.41 -5.76
C PRO A 7 -5.40 -6.30 -4.81
N TYR A 8 -5.40 -5.97 -3.53
CA TYR A 8 -4.71 -6.73 -2.53
C TYR A 8 -5.70 -7.61 -1.78
N THR A 9 -5.24 -8.74 -1.31
CA THR A 9 -6.06 -9.69 -0.58
C THR A 9 -6.31 -9.17 0.84
N LYS A 10 -7.38 -9.65 1.46
CA LYS A 10 -7.73 -9.24 2.81
C LYS A 10 -6.60 -9.57 3.79
N TYR A 11 -5.93 -10.69 3.55
CA TYR A 11 -4.81 -11.11 4.39
C TYR A 11 -3.75 -10.01 4.42
N GLN A 12 -3.44 -9.49 3.24
CA GLN A 12 -2.45 -8.43 3.12
C GLN A 12 -3.03 -7.14 3.71
N THR A 13 -4.32 -6.94 3.49
CA THR A 13 -5.02 -5.76 3.99
C THR A 13 -4.97 -5.69 5.51
N LEU A 14 -5.33 -6.79 6.16
CA LEU A 14 -5.36 -6.85 7.61
C LEU A 14 -3.99 -6.54 8.21
N GLU A 15 -2.96 -7.21 7.71
CA GLU A 15 -1.61 -7.02 8.21
C GLU A 15 -1.11 -5.58 7.99
N LEU A 16 -1.31 -5.08 6.78
CA LEU A 16 -0.88 -3.72 6.45
C LEU A 16 -1.63 -2.69 7.27
N GLU A 17 -2.93 -2.91 7.45
CA GLU A 17 -3.75 -2.00 8.23
C GLU A 17 -3.35 -2.07 9.69
N LYS A 18 -3.06 -3.27 10.16
CA LYS A 18 -2.65 -3.50 11.53
C LYS A 18 -1.37 -2.74 11.84
N GLU A 19 -0.39 -2.88 10.94
CA GLU A 19 0.89 -2.21 11.10
C GLU A 19 0.72 -0.70 11.01
N PHE A 20 -0.14 -0.26 10.11
CA PHE A 20 -0.41 1.16 9.92
C PHE A 20 -1.08 1.77 11.15
N LEU A 21 -1.99 1.01 11.75
CA LEU A 21 -2.70 1.47 12.93
C LEU A 21 -1.75 1.59 14.12
N PHE A 22 -0.88 0.61 14.25
CA PHE A 22 0.10 0.59 15.33
C PHE A 22 1.15 1.65 15.11
N ASN A 23 1.72 1.63 13.91
CA ASN A 23 2.76 2.58 13.53
C ASN A 23 2.40 3.20 12.19
N MET A 24 1.73 4.35 12.24
CA MET A 24 1.32 5.06 11.04
C MET A 24 2.53 5.41 10.19
N TYR A 25 3.67 5.61 10.84
CA TYR A 25 4.89 5.93 10.14
C TYR A 25 5.97 4.93 10.52
N LEU A 26 6.83 4.68 9.56
CA LEU A 26 7.91 3.74 9.72
C LEU A 26 9.16 4.27 9.06
N THR A 27 10.29 3.67 9.39
CA THR A 27 11.55 4.06 8.82
C THR A 27 11.78 3.32 7.50
N ARG A 28 12.77 3.75 6.74
CA ARG A 28 13.07 3.12 5.46
C ARG A 28 13.40 1.64 5.63
N ASP A 29 14.26 1.37 6.60
CA ASP A 29 14.68 0.00 6.90
C ASP A 29 13.52 -0.84 7.42
N ARG A 30 12.80 -0.29 8.39
CA ARG A 30 11.66 -1.00 8.97
C ARG A 30 10.59 -1.25 7.92
N ARG A 31 10.35 -0.27 7.06
CA ARG A 31 9.36 -0.41 6.00
C ARG A 31 9.77 -1.52 5.05
N TYR A 32 11.04 -1.58 4.72
CA TYR A 32 11.54 -2.60 3.82
C TYR A 32 11.49 -3.96 4.50
N GLU A 33 11.77 -3.97 5.81
CA GLU A 33 11.74 -5.20 6.57
C GLU A 33 10.33 -5.76 6.58
N VAL A 34 9.38 -4.92 6.97
CA VAL A 34 7.98 -5.31 7.00
C VAL A 34 7.56 -5.81 5.63
N ALA A 35 7.97 -5.09 4.60
CA ALA A 35 7.67 -5.46 3.22
C ALA A 35 8.27 -6.82 2.88
N ARG A 36 9.52 -7.03 3.30
CA ARG A 36 10.23 -8.26 3.04
C ARG A 36 9.58 -9.44 3.75
N VAL A 37 9.27 -9.23 5.02
CA VAL A 37 8.64 -10.26 5.85
C VAL A 37 7.31 -10.71 5.24
N LEU A 38 6.66 -9.83 4.51
CA LEU A 38 5.39 -10.15 3.89
C LEU A 38 5.59 -10.64 2.47
N ASN A 39 5.55 -9.70 1.52
CA ASN A 39 5.73 -10.00 0.10
C ASN A 39 5.64 -8.71 -0.70
N LEU A 40 6.11 -7.62 -0.10
CA LEU A 40 6.05 -6.32 -0.76
C LEU A 40 7.41 -5.66 -0.82
N THR A 41 7.41 -4.42 -1.29
CA THR A 41 8.61 -3.61 -1.40
C THR A 41 8.42 -2.35 -0.58
N GLU A 42 9.41 -1.48 -0.56
CA GLU A 42 9.30 -0.24 0.19
C GLU A 42 8.17 0.61 -0.39
N ARG A 43 8.11 0.67 -1.71
CA ARG A 43 7.07 1.45 -2.38
C ARG A 43 5.70 0.81 -2.17
N GLN A 44 5.65 -0.52 -2.19
CA GLN A 44 4.40 -1.23 -2.00
C GLN A 44 3.80 -0.89 -0.64
N VAL A 45 4.66 -0.81 0.38
CA VAL A 45 4.22 -0.50 1.73
C VAL A 45 3.95 0.99 1.89
N LYS A 46 4.82 1.81 1.28
CA LYS A 46 4.67 3.26 1.37
C LYS A 46 3.35 3.70 0.78
N ILE A 47 3.03 3.18 -0.39
CA ILE A 47 1.80 3.51 -1.07
C ILE A 47 0.60 2.96 -0.30
N TRP A 48 0.79 1.81 0.33
CA TRP A 48 -0.26 1.20 1.12
C TRP A 48 -0.60 2.10 2.31
N PHE A 49 0.44 2.58 2.98
CA PHE A 49 0.28 3.45 4.13
C PHE A 49 -0.28 4.80 3.70
N GLN A 50 0.16 5.25 2.55
CA GLN A 50 -0.29 6.50 1.98
C GLN A 50 -1.76 6.41 1.62
N ASN A 51 -2.14 5.26 1.06
CA ASN A 51 -3.51 5.01 0.66
C ASN A 51 -4.41 4.93 1.88
N ARG A 52 -3.94 4.23 2.91
CA ARG A 52 -4.71 4.08 4.14
C ARG A 52 -5.02 5.45 4.77
N ARG A 53 -4.08 6.37 4.64
CA ARG A 53 -4.26 7.72 5.17
C ARG A 53 -5.39 8.44 4.44
N MET A 54 -5.42 8.31 3.12
CA MET A 54 -6.46 8.94 2.31
C MET A 54 -7.80 8.24 2.52
N LYS A 55 -7.72 6.93 2.72
CA LYS A 55 -8.91 6.11 2.95
C LYS A 55 -9.59 6.51 4.25
N MET A 56 -8.80 7.04 5.16
CA MET A 56 -9.27 7.49 6.45
C MET A 56 -10.01 8.81 6.32
N LYS A 57 -9.72 9.50 5.24
CA LYS A 57 -10.31 10.80 4.98
C LYS A 57 -11.63 10.73 4.20
N LYS A 58 -11.58 10.23 2.97
CA LYS A 58 -12.76 10.19 2.13
C LYS A 58 -13.58 8.92 2.34
N MET A 59 -13.09 7.78 1.85
CA MET A 59 -13.81 6.52 1.98
C MET A 59 -13.61 5.90 3.36
N ASN A 60 -13.74 6.74 4.38
CA ASN A 60 -13.58 6.31 5.76
C ASN A 60 -14.72 5.38 6.17
N ASN B 1 -5.82 10.46 -21.30
CA ASN B 1 -5.07 11.70 -21.61
C ASN B 1 -4.61 12.41 -20.33
N GLN B 2 -4.86 11.79 -19.19
CA GLN B 2 -4.46 12.38 -17.92
C GLN B 2 -3.27 11.65 -17.35
N GLU B 3 -2.51 11.02 -18.24
CA GLU B 3 -1.32 10.28 -17.84
C GLU B 3 -0.11 11.20 -17.86
N PHE B 4 0.17 11.79 -16.72
CA PHE B 4 1.31 12.70 -16.60
C PHE B 4 2.41 12.04 -15.77
N ASP B 5 2.10 11.72 -14.52
CA ASP B 5 3.08 11.11 -13.63
C ASP B 5 2.38 10.32 -12.52
N SER B 6 1.07 10.16 -12.64
CA SER B 6 0.31 9.43 -11.64
C SER B 6 -0.79 8.59 -12.30
N GLU B 7 -0.56 8.19 -13.54
CA GLU B 7 -1.53 7.40 -14.28
C GLU B 7 -0.84 6.29 -15.05
N GLU B 8 0.36 5.92 -14.61
CA GLU B 8 1.12 4.87 -15.26
C GLU B 8 2.13 4.26 -14.30
N GLU B 9 1.86 4.35 -13.01
CA GLU B 9 2.76 3.83 -11.99
C GLU B 9 2.56 2.33 -11.81
N THR B 10 3.31 1.76 -10.87
CA THR B 10 3.21 0.35 -10.56
C THR B 10 2.33 0.17 -9.34
N VAL B 11 2.65 0.95 -8.34
CA VAL B 11 1.92 0.98 -7.09
C VAL B 11 1.26 2.35 -6.97
N GLU B 12 0.22 2.54 -7.76
CA GLU B 12 -0.52 3.80 -7.80
C GLU B 12 -1.16 4.14 -6.45
N ASP B 13 -0.89 5.35 -5.98
CA ASP B 13 -1.44 5.82 -4.71
C ASP B 13 -2.84 6.39 -4.91
N SER B 14 -3.26 6.54 -6.15
CA SER B 14 -4.60 7.07 -6.46
C SER B 14 -5.63 5.94 -6.36
N LEU B 15 -5.60 5.21 -5.26
CA LEU B 15 -6.51 4.10 -5.04
C LEU B 15 -7.73 4.54 -4.24
N VAL B 16 -7.58 5.61 -3.46
CA VAL B 16 -8.68 6.11 -2.66
C VAL B 16 -9.42 7.21 -3.41
N GLU B 17 -9.78 6.91 -4.64
CA GLU B 17 -10.50 7.85 -5.47
C GLU B 17 -11.99 7.85 -5.10
N ASP B 18 -12.29 8.45 -3.96
CA ASP B 18 -13.67 8.52 -3.47
C ASP B 18 -14.25 9.90 -3.74
N SER B 19 -13.77 10.52 -4.81
CA SER B 19 -14.21 11.85 -5.22
C SER B 19 -13.57 12.20 -6.54
N GLU B 20 -12.41 11.60 -6.78
CA GLU B 20 -11.65 11.81 -7.99
C GLU B 20 -12.46 11.43 -9.23
N THR A 1 -5.11 8.76 -12.63
CA THR A 1 -4.62 7.38 -12.45
C THR A 1 -4.16 6.79 -13.78
N ARG A 2 -3.26 5.83 -13.72
CA ARG A 2 -2.75 5.18 -14.92
C ARG A 2 -2.96 3.68 -14.84
N LYS A 3 -2.74 3.11 -13.67
CA LYS A 3 -2.90 1.68 -13.47
C LYS A 3 -3.60 1.38 -12.14
N LYS A 4 -3.79 2.41 -11.34
CA LYS A 4 -4.45 2.31 -10.04
C LYS A 4 -3.61 1.52 -9.04
N ARG A 5 -4.05 1.52 -7.80
CA ARG A 5 -3.37 0.80 -6.73
C ARG A 5 -3.50 -0.71 -6.93
N CYS A 6 -2.39 -1.42 -6.75
CA CYS A 6 -2.36 -2.87 -6.89
C CYS A 6 -3.21 -3.53 -5.82
N PRO A 7 -3.96 -4.57 -6.20
CA PRO A 7 -4.83 -5.30 -5.28
C PRO A 7 -4.05 -6.02 -4.18
N TYR A 8 -4.41 -5.75 -2.95
CA TYR A 8 -3.78 -6.35 -1.80
C TYR A 8 -4.67 -7.46 -1.27
N THR A 9 -4.04 -8.55 -0.85
CA THR A 9 -4.75 -9.69 -0.33
C THR A 9 -5.36 -9.36 1.04
N LYS A 10 -6.40 -10.09 1.42
CA LYS A 10 -7.05 -9.86 2.70
C LYS A 10 -6.04 -9.98 3.83
N TYR A 11 -5.25 -11.04 3.82
CA TYR A 11 -4.23 -11.23 4.85
C TYR A 11 -3.23 -10.08 4.82
N GLN A 12 -2.82 -9.71 3.62
CA GLN A 12 -1.88 -8.63 3.43
C GLN A 12 -2.42 -7.34 4.03
N THR A 13 -3.71 -7.09 3.78
CA THR A 13 -4.37 -5.91 4.30
C THR A 13 -4.47 -5.97 5.82
N LEU A 14 -4.83 -7.13 6.34
CA LEU A 14 -4.97 -7.33 7.79
C LEU A 14 -3.64 -7.05 8.50
N GLU A 15 -2.56 -7.51 7.92
CA GLU A 15 -1.23 -7.32 8.49
C GLU A 15 -0.82 -5.85 8.40
N LEU A 16 -1.05 -5.25 7.24
CA LEU A 16 -0.71 -3.85 7.03
C LEU A 16 -1.56 -2.95 7.90
N GLU A 17 -2.85 -3.26 8.02
CA GLU A 17 -3.76 -2.48 8.83
C GLU A 17 -3.38 -2.54 10.29
N LYS A 18 -2.91 -3.71 10.71
CA LYS A 18 -2.51 -3.92 12.09
C LYS A 18 -1.37 -2.99 12.46
N GLU A 19 -0.34 -2.97 11.63
CA GLU A 19 0.81 -2.11 11.89
C GLU A 19 0.47 -0.65 11.60
N PHE A 20 -0.39 -0.43 10.61
CA PHE A 20 -0.84 0.91 10.24
C PHE A 20 -1.39 1.66 11.46
N LEU A 21 -2.34 1.02 12.12
CA LEU A 21 -2.97 1.58 13.30
C LEU A 21 -1.97 1.68 14.45
N PHE A 22 -1.11 0.69 14.52
CA PHE A 22 -0.07 0.63 15.53
C PHE A 22 0.89 1.79 15.39
N ASN A 23 1.37 1.98 14.18
CA ASN A 23 2.30 3.04 13.86
C ASN A 23 2.18 3.46 12.40
N MET A 24 1.57 4.63 12.21
CA MET A 24 1.38 5.18 10.87
C MET A 24 2.72 5.43 10.20
N TYR A 25 3.72 5.71 11.01
CA TYR A 25 5.06 5.94 10.52
C TYR A 25 5.99 4.89 11.09
N LEU A 26 7.00 4.57 10.33
CA LEU A 26 7.96 3.58 10.69
C LEU A 26 9.30 3.92 10.06
N THR A 27 10.33 3.22 10.46
CA THR A 27 11.67 3.43 9.95
C THR A 27 11.82 2.87 8.55
N ARG A 28 12.78 3.40 7.79
CA ARG A 28 13.02 2.94 6.43
C ARG A 28 13.44 1.47 6.42
N ASP A 29 14.44 1.16 7.24
CA ASP A 29 14.96 -0.22 7.34
C ASP A 29 13.84 -1.18 7.70
N ARG A 30 13.05 -0.80 8.68
CA ARG A 30 11.94 -1.61 9.12
C ARG A 30 10.91 -1.75 8.00
N ARG A 31 10.70 -0.66 7.25
CA ARG A 31 9.76 -0.69 6.13
C ARG A 31 10.25 -1.65 5.06
N TYR A 32 11.52 -1.52 4.70
CA TYR A 32 12.13 -2.41 3.71
C TYR A 32 12.01 -3.85 4.19
N GLU A 33 12.15 -4.03 5.49
CA GLU A 33 12.04 -5.35 6.11
C GLU A 33 10.61 -5.85 6.07
N VAL A 34 9.67 -5.00 6.49
CA VAL A 34 8.25 -5.36 6.49
C VAL A 34 7.82 -5.79 5.08
N ALA A 35 8.29 -5.05 4.08
CA ALA A 35 7.98 -5.34 2.70
C ALA A 35 8.51 -6.73 2.32
N ARG A 36 9.74 -7.01 2.75
CA ARG A 36 10.39 -8.29 2.46
C ARG A 36 9.69 -9.43 3.19
N VAL A 37 9.35 -9.17 4.45
CA VAL A 37 8.67 -10.15 5.30
C VAL A 37 7.38 -10.68 4.65
N LEU A 38 6.70 -9.83 3.89
CA LEU A 38 5.46 -10.25 3.25
C LEU A 38 5.75 -10.81 1.87
N ASN A 39 5.69 -9.93 0.88
CA ASN A 39 5.92 -10.30 -0.52
C ASN A 39 5.71 -9.08 -1.40
N LEU A 40 5.98 -7.91 -0.83
CA LEU A 40 5.80 -6.67 -1.57
C LEU A 40 7.05 -5.83 -1.55
N THR A 41 7.04 -4.76 -2.33
CA THR A 41 8.15 -3.84 -2.37
C THR A 41 7.92 -2.78 -1.30
N GLU A 42 8.93 -1.97 -1.03
CA GLU A 42 8.81 -0.94 -0.01
C GLU A 42 7.73 0.07 -0.39
N ARG A 43 7.64 0.38 -1.68
CA ARG A 43 6.65 1.31 -2.16
C ARG A 43 5.25 0.74 -1.99
N GLN A 44 5.09 -0.58 -2.14
CA GLN A 44 3.79 -1.21 -2.01
C GLN A 44 3.21 -0.97 -0.63
N VAL A 45 4.07 -1.03 0.38
CA VAL A 45 3.65 -0.81 1.75
C VAL A 45 3.43 0.68 2.01
N LYS A 46 4.39 1.49 1.58
CA LYS A 46 4.32 2.94 1.78
C LYS A 46 3.10 3.55 1.10
N ILE A 47 2.86 3.16 -0.14
CA ILE A 47 1.71 3.66 -0.88
C ILE A 47 0.41 3.23 -0.23
N TRP A 48 0.41 2.04 0.36
CA TRP A 48 -0.77 1.53 1.03
C TRP A 48 -1.10 2.41 2.23
N PHE A 49 -0.06 2.80 2.96
CA PHE A 49 -0.20 3.63 4.13
C PHE A 49 -0.70 5.01 3.73
N GLN A 50 -0.16 5.54 2.66
CA GLN A 50 -0.54 6.85 2.16
C GLN A 50 -1.97 6.80 1.63
N ASN A 51 -2.30 5.70 0.97
CA ASN A 51 -3.61 5.48 0.40
C ASN A 51 -4.68 5.39 1.48
N ARG A 52 -4.46 4.50 2.45
CA ARG A 52 -5.41 4.32 3.54
C ARG A 52 -5.58 5.59 4.36
N ARG A 53 -4.49 6.33 4.53
CA ARG A 53 -4.53 7.57 5.28
C ARG A 53 -5.42 8.59 4.58
N MET A 54 -5.32 8.65 3.26
CA MET A 54 -6.13 9.57 2.48
C MET A 54 -7.57 9.06 2.42
N LYS A 55 -7.72 7.74 2.48
CA LYS A 55 -9.03 7.10 2.44
C LYS A 55 -9.85 7.51 3.65
N MET A 56 -9.16 7.64 4.76
CA MET A 56 -9.77 8.03 6.03
C MET A 56 -10.56 9.31 5.92
N LYS A 57 -9.93 10.34 5.37
CA LYS A 57 -10.57 11.65 5.24
C LYS A 57 -11.37 11.80 3.95
N LYS A 58 -10.84 11.30 2.83
CA LYS A 58 -11.53 11.42 1.55
C LYS A 58 -12.78 10.54 1.52
N MET A 59 -12.58 9.23 1.45
CA MET A 59 -13.70 8.29 1.43
C MET A 59 -14.18 8.04 2.84
N ASN A 60 -14.55 9.11 3.50
CA ASN A 60 -15.03 9.05 4.88
C ASN A 60 -16.53 8.81 4.91
N ASN B 1 18.26 3.45 -14.57
CA ASN B 1 16.87 3.01 -14.89
C ASN B 1 15.90 4.15 -14.58
N GLN B 2 14.62 3.94 -14.91
CA GLN B 2 13.60 4.97 -14.66
C GLN B 2 12.47 4.42 -13.79
N GLU B 3 12.83 3.73 -12.72
CA GLU B 3 11.81 3.18 -11.82
C GLU B 3 11.33 4.21 -10.81
N PHE B 4 12.01 5.35 -10.78
CA PHE B 4 11.64 6.41 -9.86
C PHE B 4 10.39 7.11 -10.35
N ASP B 5 10.25 7.22 -11.66
CA ASP B 5 9.08 7.84 -12.27
C ASP B 5 8.00 6.79 -12.49
N SER B 6 7.67 6.10 -11.42
CA SER B 6 6.67 5.04 -11.43
C SER B 6 5.25 5.59 -11.48
N GLU B 7 4.95 6.37 -12.50
CA GLU B 7 3.63 6.96 -12.66
C GLU B 7 2.67 6.00 -13.35
N GLU B 8 3.23 4.93 -13.87
CA GLU B 8 2.45 3.91 -14.56
C GLU B 8 2.75 2.55 -13.96
N GLU B 9 3.25 2.57 -12.74
CA GLU B 9 3.58 1.34 -12.02
C GLU B 9 2.31 0.62 -11.59
N THR B 10 2.46 -0.49 -10.89
CA THR B 10 1.31 -1.23 -10.41
C THR B 10 0.91 -0.72 -9.03
N VAL B 11 1.84 -0.06 -8.41
CA VAL B 11 1.64 0.50 -7.07
C VAL B 11 1.33 1.98 -7.16
N GLU B 12 0.18 2.31 -7.72
CA GLU B 12 -0.20 3.70 -7.85
C GLU B 12 -0.82 4.22 -6.56
N ASP B 13 -0.58 5.49 -6.29
CA ASP B 13 -1.13 6.16 -5.11
C ASP B 13 -2.62 6.43 -5.31
N SER B 14 -3.04 6.38 -6.55
CA SER B 14 -4.44 6.62 -6.92
C SER B 14 -5.32 5.39 -6.67
N LEU B 15 -6.27 5.55 -5.77
CA LEU B 15 -7.22 4.50 -5.42
C LEU B 15 -8.37 5.11 -4.63
N VAL B 16 -8.05 6.12 -3.85
CA VAL B 16 -9.04 6.81 -3.04
C VAL B 16 -9.44 8.11 -3.72
N GLU B 17 -10.14 7.96 -4.83
CA GLU B 17 -10.60 9.10 -5.61
C GLU B 17 -11.89 9.67 -4.99
N ASP B 18 -12.33 9.02 -3.91
CA ASP B 18 -13.54 9.41 -3.20
C ASP B 18 -14.76 9.26 -4.11
N SER B 19 -15.02 8.02 -4.49
CA SER B 19 -16.15 7.70 -5.35
C SER B 19 -16.77 6.38 -4.91
N GLU B 20 -16.13 5.74 -3.93
CA GLU B 20 -16.58 4.45 -3.39
C GLU B 20 -16.94 3.47 -4.50
N THR A 1 -6.79 -5.24 -16.83
CA THR A 1 -6.58 -4.32 -15.69
C THR A 1 -5.26 -3.58 -15.82
N ARG A 2 -4.37 -4.07 -16.68
CA ARG A 2 -3.06 -3.48 -16.89
C ARG A 2 -2.30 -3.42 -15.57
N LYS A 3 -2.33 -4.54 -14.83
CA LYS A 3 -1.66 -4.66 -13.53
C LYS A 3 -2.41 -3.87 -12.46
N LYS A 4 -2.41 -2.55 -12.58
CA LYS A 4 -3.07 -1.66 -11.63
C LYS A 4 -2.56 -1.90 -10.22
N ARG A 5 -3.39 -1.56 -9.23
CA ARG A 5 -3.00 -1.77 -7.83
C ARG A 5 -2.90 -3.27 -7.56
N CYS A 6 -1.78 -3.68 -6.97
CA CYS A 6 -1.55 -5.08 -6.65
C CYS A 6 -2.71 -5.66 -5.85
N PRO A 7 -3.12 -6.89 -6.18
CA PRO A 7 -4.24 -7.55 -5.51
C PRO A 7 -3.87 -8.08 -4.13
N TYR A 8 -3.83 -7.17 -3.16
CA TYR A 8 -3.53 -7.54 -1.79
C TYR A 8 -4.66 -8.34 -1.21
N THR A 9 -4.31 -9.49 -0.69
CA THR A 9 -5.28 -10.38 -0.08
C THR A 9 -5.71 -9.83 1.27
N LYS A 10 -6.78 -10.39 1.82
CA LYS A 10 -7.28 -9.95 3.11
C LYS A 10 -6.20 -10.03 4.18
N TYR A 11 -5.47 -11.14 4.20
CA TYR A 11 -4.39 -11.32 5.18
C TYR A 11 -3.35 -10.22 5.07
N GLN A 12 -2.99 -9.88 3.84
CA GLN A 12 -2.00 -8.83 3.58
C GLN A 12 -2.52 -7.49 4.04
N THR A 13 -3.72 -7.15 3.58
CA THR A 13 -4.35 -5.88 3.93
C THR A 13 -4.50 -5.74 5.45
N LEU A 14 -4.93 -6.83 6.10
CA LEU A 14 -5.10 -6.85 7.55
C LEU A 14 -3.78 -6.59 8.25
N GLU A 15 -2.69 -7.09 7.67
CA GLU A 15 -1.37 -6.89 8.24
C GLU A 15 -0.98 -5.43 8.11
N LEU A 16 -1.17 -4.90 6.90
CA LEU A 16 -0.86 -3.50 6.61
C LEU A 16 -1.63 -2.57 7.53
N GLU A 17 -2.92 -2.86 7.67
CA GLU A 17 -3.80 -2.08 8.50
C GLU A 17 -3.37 -2.13 9.97
N LYS A 18 -3.04 -3.33 10.45
CA LYS A 18 -2.60 -3.51 11.82
C LYS A 18 -1.35 -2.68 12.11
N GLU A 19 -0.39 -2.73 11.18
CA GLU A 19 0.86 -1.99 11.33
C GLU A 19 0.60 -0.48 11.29
N PHE A 20 -0.21 -0.03 10.33
CA PHE A 20 -0.51 1.39 10.18
C PHE A 20 -1.27 1.92 11.41
N LEU A 21 -2.13 1.10 11.98
CA LEU A 21 -2.91 1.49 13.13
C LEU A 21 -2.03 1.54 14.39
N PHE A 22 -1.03 0.69 14.42
CA PHE A 22 -0.11 0.64 15.54
C PHE A 22 0.96 1.71 15.41
N ASN A 23 1.61 1.69 14.26
CA ASN A 23 2.68 2.63 13.96
C ASN A 23 2.50 3.23 12.58
N MET A 24 1.96 4.44 12.55
CA MET A 24 1.73 5.15 11.30
C MET A 24 3.04 5.36 10.55
N TYR A 25 4.15 5.35 11.28
CA TYR A 25 5.46 5.52 10.68
C TYR A 25 6.40 4.43 11.15
N LEU A 26 7.24 4.00 10.24
CA LEU A 26 8.19 2.94 10.47
C LEU A 26 9.59 3.38 10.10
N THR A 27 10.54 2.62 10.58
CA THR A 27 11.95 2.88 10.29
C THR A 27 12.31 2.27 8.94
N ARG A 28 13.50 2.57 8.44
CA ARG A 28 13.95 2.04 7.14
C ARG A 28 13.98 0.52 7.16
N ASP A 29 14.62 -0.03 8.19
CA ASP A 29 14.75 -1.47 8.32
C ASP A 29 13.40 -2.13 8.51
N ARG A 30 12.60 -1.56 9.39
CA ARG A 30 11.27 -2.07 9.67
C ARG A 30 10.42 -2.08 8.40
N ARG A 31 10.49 -1.01 7.63
CA ARG A 31 9.73 -0.90 6.39
C ARG A 31 10.23 -1.94 5.40
N TYR A 32 11.54 -2.06 5.29
CA TYR A 32 12.16 -3.02 4.39
C TYR A 32 11.81 -4.45 4.82
N GLU A 33 11.75 -4.66 6.13
CA GLU A 33 11.44 -5.97 6.68
C GLU A 33 9.98 -6.33 6.41
N VAL A 34 9.08 -5.40 6.71
CA VAL A 34 7.66 -5.62 6.48
C VAL A 34 7.42 -5.87 5.00
N ALA A 35 8.07 -5.06 4.16
CA ALA A 35 7.95 -5.21 2.72
C ALA A 35 8.53 -6.55 2.27
N ARG A 36 9.64 -6.93 2.89
CA ARG A 36 10.32 -8.17 2.55
C ARG A 36 9.42 -9.36 2.87
N VAL A 37 8.84 -9.36 4.07
CA VAL A 37 7.95 -10.44 4.50
C VAL A 37 6.74 -10.54 3.56
N LEU A 38 6.24 -9.41 3.12
CA LEU A 38 5.08 -9.38 2.23
C LEU A 38 5.49 -9.58 0.78
N ASN A 39 6.79 -9.69 0.55
CA ASN A 39 7.35 -9.88 -0.78
C ASN A 39 7.00 -8.68 -1.66
N LEU A 40 7.07 -7.50 -1.07
CA LEU A 40 6.79 -6.26 -1.77
C LEU A 40 7.96 -5.31 -1.64
N THR A 41 7.80 -4.11 -2.19
CA THR A 41 8.82 -3.10 -2.13
C THR A 41 8.50 -2.10 -1.03
N GLU A 42 9.47 -1.30 -0.63
CA GLU A 42 9.26 -0.30 0.40
C GLU A 42 8.21 0.70 -0.08
N ARG A 43 8.24 0.95 -1.38
CA ARG A 43 7.30 1.87 -2.01
C ARG A 43 5.88 1.36 -1.91
N GLN A 44 5.70 0.04 -2.00
CA GLN A 44 4.37 -0.54 -1.91
C GLN A 44 3.75 -0.19 -0.56
N VAL A 45 4.56 -0.27 0.48
CA VAL A 45 4.12 0.03 1.82
C VAL A 45 3.99 1.53 2.03
N LYS A 46 5.01 2.26 1.59
CA LYS A 46 5.06 3.72 1.74
C LYS A 46 3.85 4.39 1.08
N ILE A 47 3.54 3.98 -0.13
CA ILE A 47 2.42 4.55 -0.85
C ILE A 47 1.09 4.06 -0.29
N TRP A 48 1.06 2.81 0.19
CA TRP A 48 -0.16 2.25 0.76
C TRP A 48 -0.53 3.01 2.03
N PHE A 49 0.50 3.31 2.83
CA PHE A 49 0.30 4.04 4.07
C PHE A 49 -0.21 5.43 3.79
N GLN A 50 0.23 5.97 2.67
CA GLN A 50 -0.19 7.30 2.24
C GLN A 50 -1.63 7.23 1.75
N ASN A 51 -1.94 6.15 1.04
CA ASN A 51 -3.27 5.91 0.54
C ASN A 51 -4.26 5.83 1.69
N ARG A 52 -3.87 5.07 2.71
CA ARG A 52 -4.68 4.91 3.91
C ARG A 52 -4.95 6.24 4.59
N ARG A 53 -3.99 7.16 4.47
CA ARG A 53 -4.13 8.49 5.05
C ARG A 53 -5.27 9.25 4.39
N MET A 54 -5.27 9.28 3.06
CA MET A 54 -6.33 9.97 2.33
C MET A 54 -7.63 9.19 2.41
N LYS A 55 -7.51 7.87 2.51
CA LYS A 55 -8.67 7.00 2.63
C LYS A 55 -9.42 7.31 3.91
N MET A 56 -8.66 7.70 4.92
CA MET A 56 -9.19 8.03 6.24
C MET A 56 -10.21 9.16 6.14
N LYS A 57 -9.90 10.14 5.34
CA LYS A 57 -10.76 11.30 5.15
C LYS A 57 -12.03 10.95 4.37
N LYS A 58 -11.89 10.13 3.35
CA LYS A 58 -13.03 9.74 2.52
C LYS A 58 -13.87 8.66 3.20
N MET A 59 -13.24 7.55 3.52
CA MET A 59 -13.92 6.42 4.16
C MET A 59 -13.73 6.48 5.66
N ASN A 60 -14.23 7.56 6.25
CA ASN A 60 -14.12 7.75 7.69
C ASN A 60 -15.27 7.05 8.41
N ASN B 1 17.84 -0.06 -20.05
CA ASN B 1 17.15 -1.23 -19.44
C ASN B 1 15.76 -0.82 -18.97
N GLN B 2 15.24 -1.54 -17.99
CA GLN B 2 13.91 -1.24 -17.45
C GLN B 2 14.06 -0.23 -16.32
N GLU B 3 14.39 1.01 -16.67
CA GLU B 3 14.56 2.05 -15.68
C GLU B 3 13.31 2.91 -15.53
N PHE B 4 12.31 2.63 -16.34
CA PHE B 4 11.05 3.37 -16.29
C PHE B 4 9.89 2.43 -16.02
N ASP B 5 10.17 1.14 -16.05
CA ASP B 5 9.17 0.11 -15.82
C ASP B 5 9.72 -0.93 -14.86
N SER B 6 8.90 -1.32 -13.90
CA SER B 6 9.27 -2.30 -12.92
C SER B 6 8.16 -3.33 -12.77
N GLU B 7 8.35 -4.25 -11.86
CA GLU B 7 7.38 -5.29 -11.59
C GLU B 7 6.40 -4.87 -10.52
N GLU B 8 6.89 -4.83 -9.30
CA GLU B 8 6.09 -4.44 -8.15
C GLU B 8 6.69 -3.21 -7.50
N GLU B 9 7.79 -2.76 -8.08
CA GLU B 9 8.48 -1.59 -7.57
C GLU B 9 7.60 -0.36 -7.76
N THR B 10 6.90 -0.36 -8.86
CA THR B 10 6.00 0.72 -9.20
C THR B 10 4.66 0.49 -8.53
N VAL B 11 4.13 1.54 -7.91
CA VAL B 11 2.86 1.44 -7.22
C VAL B 11 1.82 2.34 -7.87
N GLU B 12 1.00 1.74 -8.73
CA GLU B 12 -0.05 2.47 -9.42
C GLU B 12 -0.93 3.19 -8.40
N ASP B 13 -1.40 2.43 -7.41
CA ASP B 13 -2.23 2.93 -6.32
C ASP B 13 -3.60 3.43 -6.77
N SER B 14 -4.63 3.02 -6.04
CA SER B 14 -5.99 3.42 -6.33
C SER B 14 -6.36 4.64 -5.48
N LEU B 15 -7.64 4.95 -5.41
CA LEU B 15 -8.08 6.08 -4.61
C LEU B 15 -8.65 5.58 -3.29
N VAL B 16 -9.94 5.24 -3.31
CA VAL B 16 -10.62 4.73 -2.12
C VAL B 16 -11.58 3.62 -2.54
N GLU B 17 -11.10 2.38 -2.51
CA GLU B 17 -11.91 1.24 -2.87
C GLU B 17 -12.93 0.93 -1.78
N ASP B 18 -14.02 1.68 -1.76
CA ASP B 18 -15.07 1.47 -0.78
C ASP B 18 -16.42 1.41 -1.48
N SER B 19 -16.39 1.11 -2.76
CA SER B 19 -17.60 0.99 -3.57
C SER B 19 -17.42 -0.07 -4.64
N GLU B 20 -16.22 -0.14 -5.18
CA GLU B 20 -15.89 -1.11 -6.22
C GLU B 20 -15.73 -2.50 -5.63
N THR A 1 -1.49 7.34 -9.36
CA THR A 1 -0.92 6.09 -9.92
C THR A 1 -2.00 5.04 -10.12
N ARG A 2 -3.17 5.47 -10.58
CA ARG A 2 -4.28 4.55 -10.80
C ARG A 2 -4.03 3.75 -12.06
N LYS A 3 -3.43 2.58 -11.91
CA LYS A 3 -3.12 1.72 -13.04
C LYS A 3 -3.56 0.28 -12.76
N LYS A 4 -2.81 -0.41 -11.91
CA LYS A 4 -3.12 -1.79 -11.57
C LYS A 4 -2.39 -2.20 -10.29
N ARG A 5 -3.12 -2.84 -9.39
CA ARG A 5 -2.54 -3.31 -8.14
C ARG A 5 -2.40 -4.83 -8.17
N CYS A 6 -1.27 -5.34 -7.70
CA CYS A 6 -1.03 -6.78 -7.67
C CYS A 6 -1.90 -7.44 -6.61
N PRO A 7 -2.27 -8.72 -6.84
CA PRO A 7 -3.11 -9.46 -5.91
C PRO A 7 -2.41 -9.82 -4.59
N TYR A 8 -2.69 -9.03 -3.56
CA TYR A 8 -2.15 -9.25 -2.24
C TYR A 8 -3.05 -10.21 -1.49
N THR A 9 -2.44 -11.16 -0.81
CA THR A 9 -3.19 -12.16 -0.05
C THR A 9 -3.83 -11.56 1.19
N LYS A 10 -4.82 -12.26 1.73
CA LYS A 10 -5.54 -11.83 2.93
C LYS A 10 -4.56 -11.55 4.05
N TYR A 11 -3.63 -12.48 4.27
CA TYR A 11 -2.63 -12.36 5.31
C TYR A 11 -1.89 -11.03 5.22
N GLN A 12 -1.43 -10.70 4.01
CA GLN A 12 -0.71 -9.46 3.79
C GLN A 12 -1.59 -8.26 4.12
N THR A 13 -2.81 -8.32 3.62
CA THR A 13 -3.79 -7.26 3.83
C THR A 13 -4.04 -7.04 5.32
N LEU A 14 -4.27 -8.14 6.05
CA LEU A 14 -4.52 -8.06 7.50
C LEU A 14 -3.33 -7.46 8.23
N GLU A 15 -2.13 -7.96 7.93
CA GLU A 15 -0.90 -7.48 8.55
C GLU A 15 -0.74 -5.97 8.31
N LEU A 16 -0.93 -5.56 7.07
CA LEU A 16 -0.81 -4.16 6.71
C LEU A 16 -1.85 -3.31 7.43
N GLU A 17 -3.07 -3.83 7.51
CA GLU A 17 -4.15 -3.14 8.17
C GLU A 17 -3.86 -2.96 9.66
N LYS A 18 -3.28 -4.00 10.26
CA LYS A 18 -2.95 -3.98 11.67
C LYS A 18 -1.80 -3.01 11.93
N GLU A 19 -0.79 -3.07 11.07
CA GLU A 19 0.36 -2.19 11.19
C GLU A 19 -0.05 -0.73 11.03
N PHE A 20 -0.93 -0.49 10.05
CA PHE A 20 -1.43 0.85 9.75
C PHE A 20 -2.09 1.49 10.97
N LEU A 21 -3.04 0.78 11.54
CA LEU A 21 -3.78 1.26 12.71
C LEU A 21 -2.88 1.48 13.92
N PHE A 22 -1.84 0.69 14.00
CA PHE A 22 -0.89 0.80 15.10
C PHE A 22 0.10 1.94 14.83
N ASN A 23 0.68 1.91 13.65
CA ASN A 23 1.65 2.91 13.23
C ASN A 23 1.37 3.34 11.80
N MET A 24 0.69 4.47 11.67
CA MET A 24 0.34 5.04 10.37
C MET A 24 1.59 5.21 9.52
N TYR A 25 2.69 5.52 10.18
CA TYR A 25 3.97 5.68 9.49
C TYR A 25 5.01 4.78 10.10
N LEU A 26 5.86 4.27 9.24
CA LEU A 26 6.91 3.38 9.61
C LEU A 26 8.24 3.97 9.22
N THR A 27 9.28 3.54 9.90
CA THR A 27 10.62 3.99 9.64
C THR A 27 11.14 3.33 8.36
N ARG A 28 12.30 3.79 7.89
CA ARG A 28 12.90 3.25 6.67
C ARG A 28 13.17 1.76 6.80
N ASP A 29 13.84 1.39 7.88
CA ASP A 29 14.16 -0.02 8.14
C ASP A 29 12.91 -0.81 8.42
N ARG A 30 12.02 -0.22 9.21
CA ARG A 30 10.76 -0.86 9.57
C ARG A 30 9.96 -1.17 8.31
N ARG A 31 9.87 -0.19 7.41
CA ARG A 31 9.15 -0.37 6.16
C ARG A 31 9.83 -1.45 5.33
N TYR A 32 11.15 -1.43 5.31
CA TYR A 32 11.93 -2.40 4.56
C TYR A 32 11.69 -3.81 5.10
N GLU A 33 11.62 -3.92 6.42
CA GLU A 33 11.38 -5.21 7.06
C GLU A 33 10.00 -5.71 6.73
N VAL A 34 9.00 -4.85 6.94
CA VAL A 34 7.62 -5.20 6.64
C VAL A 34 7.51 -5.64 5.18
N ALA A 35 8.17 -4.88 4.31
CA ALA A 35 8.18 -5.19 2.89
C ALA A 35 8.83 -6.54 2.64
N ARG A 36 9.95 -6.78 3.31
CA ARG A 36 10.70 -8.02 3.18
C ARG A 36 9.83 -9.19 3.61
N VAL A 37 9.20 -9.05 4.76
CA VAL A 37 8.33 -10.09 5.30
C VAL A 37 7.17 -10.41 4.35
N LEU A 38 6.71 -9.39 3.61
CA LEU A 38 5.61 -9.57 2.67
C LEU A 38 6.12 -9.93 1.28
N ASN A 39 7.44 -10.14 1.16
CA ASN A 39 8.07 -10.49 -0.11
C ASN A 39 7.84 -9.38 -1.15
N LEU A 40 7.89 -8.15 -0.67
CA LEU A 40 7.67 -6.98 -1.50
C LEU A 40 8.77 -5.95 -1.30
N THR A 41 8.56 -4.77 -1.88
CA THR A 41 9.50 -3.67 -1.77
C THR A 41 8.91 -2.58 -0.88
N GLU A 42 9.70 -1.55 -0.60
CA GLU A 42 9.24 -0.46 0.25
C GLU A 42 8.12 0.31 -0.43
N ARG A 43 8.20 0.38 -1.74
CA ARG A 43 7.19 1.07 -2.54
C ARG A 43 5.81 0.45 -2.34
N GLN A 44 5.77 -0.87 -2.22
CA GLN A 44 4.50 -1.58 -2.04
C GLN A 44 3.81 -1.12 -0.77
N VAL A 45 4.62 -0.94 0.27
CA VAL A 45 4.10 -0.53 1.58
C VAL A 45 3.75 0.97 1.59
N LYS A 46 4.59 1.77 0.97
CA LYS A 46 4.41 3.22 0.95
C LYS A 46 3.11 3.63 0.27
N ILE A 47 2.84 3.07 -0.90
CA ILE A 47 1.63 3.40 -1.64
C ILE A 47 0.37 2.91 -0.91
N TRP A 48 0.44 1.71 -0.36
CA TRP A 48 -0.71 1.16 0.36
C TRP A 48 -1.05 2.03 1.57
N PHE A 49 -0.02 2.44 2.30
CA PHE A 49 -0.19 3.27 3.48
C PHE A 49 -0.58 4.69 3.10
N GLN A 50 -0.16 5.11 1.93
CA GLN A 50 -0.47 6.45 1.43
C GLN A 50 -1.96 6.55 1.15
N ASN A 51 -2.51 5.50 0.57
CA ASN A 51 -3.93 5.44 0.25
C ASN A 51 -4.75 5.53 1.53
N ARG A 52 -4.28 4.87 2.56
CA ARG A 52 -4.95 4.86 3.85
C ARG A 52 -4.91 6.24 4.48
N ARG A 53 -3.80 6.94 4.27
CA ARG A 53 -3.60 8.28 4.81
C ARG A 53 -4.63 9.26 4.26
N MET A 54 -4.70 9.33 2.94
CA MET A 54 -5.63 10.23 2.27
C MET A 54 -7.06 9.79 2.51
N LYS A 55 -7.25 8.48 2.60
CA LYS A 55 -8.56 7.89 2.84
C LYS A 55 -9.16 8.45 4.12
N MET A 56 -8.30 8.56 5.11
CA MET A 56 -8.67 9.08 6.42
C MET A 56 -9.19 10.50 6.32
N LYS A 57 -8.57 11.25 5.44
CA LYS A 57 -8.92 12.65 5.23
C LYS A 57 -10.28 12.83 4.54
N LYS A 58 -10.53 12.07 3.48
CA LYS A 58 -11.79 12.19 2.75
C LYS A 58 -12.91 11.36 3.36
N MET A 59 -12.60 10.15 3.78
CA MET A 59 -13.59 9.26 4.37
C MET A 59 -13.80 9.55 5.85
N ASN A 60 -13.77 10.82 6.21
CA ASN A 60 -13.96 11.21 7.60
C ASN A 60 -15.39 11.69 7.79
N ASN B 1 -6.60 -1.80 -27.64
CA ASN B 1 -5.83 -0.80 -28.40
C ASN B 1 -4.67 -0.27 -27.57
N GLN B 2 -3.54 0.01 -28.22
CA GLN B 2 -2.34 0.53 -27.55
C GLN B 2 -1.80 -0.48 -26.55
N GLU B 3 -0.83 -1.28 -27.03
CA GLU B 3 -0.20 -2.31 -26.21
C GLU B 3 -1.21 -3.41 -25.88
N PHE B 4 -1.86 -3.24 -24.76
CA PHE B 4 -2.87 -4.17 -24.30
C PHE B 4 -3.86 -3.45 -23.39
N ASP B 5 -3.39 -3.11 -22.20
CA ASP B 5 -4.19 -2.41 -21.21
C ASP B 5 -3.29 -2.06 -20.03
N SER B 6 -3.69 -1.06 -19.26
CA SER B 6 -2.94 -0.63 -18.10
C SER B 6 -2.97 -1.72 -17.01
N GLU B 7 -2.05 -2.66 -17.13
CA GLU B 7 -1.96 -3.77 -16.20
C GLU B 7 -0.52 -4.22 -16.03
N GLU B 8 0.39 -3.26 -16.14
CA GLU B 8 1.81 -3.53 -16.02
C GLU B 8 2.33 -2.92 -14.74
N GLU B 9 1.40 -2.35 -13.99
CA GLU B 9 1.72 -1.71 -12.74
C GLU B 9 1.92 -2.75 -11.65
N THR B 10 2.16 -2.29 -10.43
CA THR B 10 2.36 -3.20 -9.31
C THR B 10 1.48 -2.81 -8.14
N VAL B 11 1.54 -1.55 -7.80
CA VAL B 11 0.73 -1.04 -6.70
C VAL B 11 -0.06 0.17 -7.15
N GLU B 12 -1.31 -0.07 -7.53
CA GLU B 12 -2.20 0.99 -7.97
C GLU B 12 -2.35 2.00 -6.84
N ASP B 13 -2.24 3.27 -7.17
CA ASP B 13 -2.33 4.32 -6.17
C ASP B 13 -3.35 5.38 -6.58
N SER B 14 -4.43 5.45 -5.82
CA SER B 14 -5.49 6.42 -6.06
C SER B 14 -5.48 7.45 -4.93
N LEU B 15 -6.62 8.06 -4.69
CA LEU B 15 -6.73 9.05 -3.62
C LEU B 15 -7.53 8.46 -2.46
N VAL B 16 -8.82 8.26 -2.68
CA VAL B 16 -9.69 7.73 -1.65
C VAL B 16 -10.83 6.94 -2.29
N GLU B 17 -10.50 5.72 -2.71
CA GLU B 17 -11.44 4.82 -3.35
C GLU B 17 -12.16 5.50 -4.52
N ASP B 18 -11.39 6.21 -5.32
CA ASP B 18 -11.94 6.91 -6.48
C ASP B 18 -12.19 5.95 -7.63
N SER B 19 -13.34 5.30 -7.60
CA SER B 19 -13.72 4.37 -8.65
C SER B 19 -14.28 5.12 -9.85
N GLU B 20 -14.62 6.40 -9.62
CA GLU B 20 -15.18 7.27 -10.66
C GLU B 20 -16.44 6.65 -11.26
N THR A 1 2.04 1.66 -13.74
CA THR A 1 0.67 2.20 -13.86
C THR A 1 0.11 2.59 -12.49
N ARG A 2 -0.95 3.40 -12.48
CA ARG A 2 -1.58 3.84 -11.25
C ARG A 2 -2.99 4.35 -11.53
N LYS A 3 -3.95 3.44 -11.59
CA LYS A 3 -5.33 3.83 -11.86
C LYS A 3 -6.32 3.06 -10.97
N LYS A 4 -6.09 1.77 -10.79
CA LYS A 4 -6.97 0.94 -9.98
C LYS A 4 -6.20 0.25 -8.87
N ARG A 5 -6.76 0.24 -7.66
CA ARG A 5 -6.11 -0.39 -6.52
C ARG A 5 -5.71 -1.83 -6.83
N CYS A 6 -4.45 -2.13 -6.58
CA CYS A 6 -3.90 -3.47 -6.82
C CYS A 6 -4.63 -4.52 -5.99
N PRO A 7 -4.89 -5.68 -6.60
CA PRO A 7 -5.58 -6.79 -5.95
C PRO A 7 -4.65 -7.67 -5.14
N TYR A 8 -4.47 -7.32 -3.87
CA TYR A 8 -3.63 -8.09 -3.00
C TYR A 8 -4.49 -9.09 -2.22
N THR A 9 -3.86 -9.86 -1.35
CA THR A 9 -4.59 -10.86 -0.59
C THR A 9 -5.21 -10.23 0.66
N LYS A 10 -6.24 -10.86 1.17
CA LYS A 10 -6.93 -10.35 2.36
C LYS A 10 -5.98 -10.35 3.56
N TYR A 11 -5.22 -11.42 3.70
CA TYR A 11 -4.26 -11.53 4.79
C TYR A 11 -3.19 -10.46 4.65
N GLN A 12 -2.81 -10.17 3.41
CA GLN A 12 -1.82 -9.16 3.13
C GLN A 12 -2.35 -7.79 3.53
N THR A 13 -3.64 -7.58 3.25
CA THR A 13 -4.30 -6.33 3.60
C THR A 13 -4.41 -6.18 5.11
N LEU A 14 -4.84 -7.26 5.77
CA LEU A 14 -5.00 -7.27 7.22
C LEU A 14 -3.67 -7.06 7.92
N GLU A 15 -2.61 -7.66 7.39
CA GLU A 15 -1.29 -7.51 7.98
C GLU A 15 -0.81 -6.07 7.85
N LEU A 16 -0.90 -5.52 6.64
CA LEU A 16 -0.49 -4.15 6.38
C LEU A 16 -1.32 -3.19 7.24
N GLU A 17 -2.61 -3.47 7.35
CA GLU A 17 -3.52 -2.68 8.15
C GLU A 17 -3.06 -2.69 9.61
N LYS A 18 -2.79 -3.89 10.09
CA LYS A 18 -2.33 -4.10 11.46
C LYS A 18 -1.04 -3.33 11.73
N GLU A 19 -0.07 -3.48 10.83
CA GLU A 19 1.21 -2.82 10.97
C GLU A 19 1.06 -1.30 10.93
N PHE A 20 0.13 -0.82 10.11
CA PHE A 20 -0.12 0.60 9.98
C PHE A 20 -0.81 1.16 11.23
N LEU A 21 -1.74 0.40 11.77
CA LEU A 21 -2.47 0.82 12.96
C LEU A 21 -1.55 0.79 14.19
N PHE A 22 -0.66 -0.18 14.22
CA PHE A 22 0.27 -0.33 15.32
C PHE A 22 1.41 0.68 15.19
N ASN A 23 1.91 0.79 13.97
CA ASN A 23 3.00 1.70 13.66
C ASN A 23 2.62 2.57 12.48
N MET A 24 2.01 3.70 12.77
CA MET A 24 1.58 4.64 11.75
C MET A 24 2.76 5.03 10.86
N TYR A 25 3.94 5.14 11.45
CA TYR A 25 5.14 5.48 10.72
C TYR A 25 6.26 4.53 11.10
N LEU A 26 7.19 4.37 10.20
CA LEU A 26 8.31 3.49 10.40
C LEU A 26 9.54 4.05 9.70
N THR A 27 10.69 3.54 10.05
CA THR A 27 11.94 3.95 9.47
C THR A 27 12.18 3.22 8.15
N ARG A 28 13.23 3.60 7.42
CA ARG A 28 13.52 2.96 6.14
C ARG A 28 13.86 1.48 6.32
N ASP A 29 14.69 1.18 7.30
CA ASP A 29 15.10 -0.20 7.58
C ASP A 29 13.93 -1.04 8.05
N ARG A 30 13.20 -0.52 9.01
CA ARG A 30 12.05 -1.22 9.56
C ARG A 30 10.99 -1.46 8.48
N ARG A 31 10.76 -0.45 7.65
CA ARG A 31 9.78 -0.58 6.57
C ARG A 31 10.24 -1.63 5.58
N TYR A 32 11.53 -1.61 5.25
CA TYR A 32 12.12 -2.57 4.34
C TYR A 32 11.98 -3.99 4.88
N GLU A 33 12.21 -4.12 6.19
CA GLU A 33 12.10 -5.42 6.85
C GLU A 33 10.65 -5.88 6.88
N VAL A 34 9.77 -5.02 7.37
CA VAL A 34 8.34 -5.34 7.46
C VAL A 34 7.80 -5.76 6.09
N ALA A 35 8.22 -5.05 5.06
CA ALA A 35 7.79 -5.37 3.70
C ALA A 35 8.36 -6.71 3.25
N ARG A 36 9.62 -6.94 3.63
CA ARG A 36 10.32 -8.16 3.27
C ARG A 36 9.70 -9.37 3.96
N VAL A 37 9.41 -9.21 5.26
CA VAL A 37 8.82 -10.26 6.06
C VAL A 37 7.43 -10.66 5.52
N LEU A 38 6.82 -9.78 4.74
CA LEU A 38 5.53 -10.04 4.20
C LEU A 38 5.68 -10.58 2.77
N ASN A 39 5.88 -9.68 1.81
CA ASN A 39 6.02 -10.06 0.39
C ASN A 39 5.99 -8.80 -0.48
N LEU A 40 6.40 -7.67 0.08
CA LEU A 40 6.39 -6.42 -0.66
C LEU A 40 7.68 -5.66 -0.49
N THR A 41 7.77 -4.50 -1.13
CA THR A 41 8.95 -3.66 -1.03
C THR A 41 8.63 -2.42 -0.23
N GLU A 42 9.63 -1.57 -0.01
CA GLU A 42 9.43 -0.34 0.75
C GLU A 42 8.39 0.55 0.09
N ARG A 43 8.48 0.64 -1.23
CA ARG A 43 7.56 1.45 -2.01
C ARG A 43 6.15 0.89 -1.96
N GLN A 44 6.03 -0.42 -1.95
CA GLN A 44 4.71 -1.05 -1.89
C GLN A 44 4.02 -0.74 -0.57
N VAL A 45 4.78 -0.75 0.50
CA VAL A 45 4.23 -0.47 1.82
C VAL A 45 4.01 1.02 2.01
N LYS A 46 4.94 1.82 1.50
CA LYS A 46 4.87 3.27 1.62
C LYS A 46 3.61 3.85 0.98
N ILE A 47 3.28 3.40 -0.23
CA ILE A 47 2.09 3.91 -0.91
C ILE A 47 0.83 3.37 -0.25
N TRP A 48 0.89 2.15 0.25
CA TRP A 48 -0.26 1.56 0.92
C TRP A 48 -0.59 2.34 2.17
N PHE A 49 0.45 2.64 2.95
CA PHE A 49 0.30 3.38 4.20
C PHE A 49 -0.20 4.79 3.93
N GLN A 50 0.25 5.35 2.82
CA GLN A 50 -0.15 6.70 2.44
C GLN A 50 -1.59 6.70 1.95
N ASN A 51 -1.90 5.74 1.09
CA ASN A 51 -3.24 5.61 0.53
C ASN A 51 -4.26 5.37 1.62
N ARG A 52 -3.90 4.53 2.57
CA ARG A 52 -4.79 4.23 3.71
C ARG A 52 -5.20 5.52 4.41
N ARG A 53 -4.25 6.43 4.53
CA ARG A 53 -4.49 7.71 5.17
C ARG A 53 -5.29 8.64 4.26
N MET A 54 -4.97 8.62 2.97
CA MET A 54 -5.63 9.46 2.00
C MET A 54 -7.07 9.01 1.77
N LYS A 55 -7.27 7.70 1.70
CA LYS A 55 -8.60 7.12 1.49
C LYS A 55 -9.55 7.53 2.60
N MET A 56 -8.98 7.84 3.74
CA MET A 56 -9.76 8.28 4.88
C MET A 56 -10.05 9.77 4.76
N LYS A 57 -9.01 10.56 4.54
CA LYS A 57 -9.14 12.01 4.43
C LYS A 57 -9.95 12.44 3.19
N LYS A 58 -9.98 11.59 2.17
CA LYS A 58 -10.71 11.90 0.94
C LYS A 58 -12.22 11.92 1.17
N MET A 59 -12.66 11.25 2.24
CA MET A 59 -14.09 11.20 2.55
C MET A 59 -14.32 10.57 3.92
N ASN A 60 -14.43 11.42 4.93
CA ASN A 60 -14.67 10.97 6.29
C ASN A 60 -15.40 12.05 7.06
N ASN B 1 16.85 -8.34 -23.97
CA ASN B 1 15.61 -7.86 -23.34
C ASN B 1 15.34 -8.65 -22.06
N GLN B 2 14.86 -7.97 -21.03
CA GLN B 2 14.57 -8.60 -19.75
C GLN B 2 13.34 -7.97 -19.11
N GLU B 3 12.46 -7.44 -19.94
CA GLU B 3 11.25 -6.79 -19.46
C GLU B 3 10.23 -7.84 -19.04
N PHE B 4 10.21 -8.14 -17.74
CA PHE B 4 9.28 -9.12 -17.20
C PHE B 4 7.85 -8.59 -17.24
N ASP B 5 7.73 -7.27 -17.39
CA ASP B 5 6.44 -6.57 -17.45
C ASP B 5 5.81 -6.47 -16.06
N SER B 6 5.31 -5.29 -15.74
CA SER B 6 4.67 -5.03 -14.46
C SER B 6 5.63 -5.25 -13.30
N GLU B 7 6.93 -5.16 -13.58
CA GLU B 7 7.96 -5.34 -12.54
C GLU B 7 8.38 -3.98 -12.04
N GLU B 8 7.79 -2.96 -12.66
CA GLU B 8 8.04 -1.57 -12.31
C GLU B 8 6.71 -0.95 -11.91
N GLU B 9 5.76 -1.81 -11.59
CA GLU B 9 4.42 -1.41 -11.20
C GLU B 9 4.47 -0.62 -9.89
N THR B 10 3.31 -0.23 -9.40
CA THR B 10 3.20 0.52 -8.18
C THR B 10 1.88 0.22 -7.51
N VAL B 11 1.77 0.51 -6.22
CA VAL B 11 0.52 0.29 -5.52
C VAL B 11 -0.45 1.37 -5.91
N GLU B 12 -1.08 1.19 -7.06
CA GLU B 12 -2.04 2.15 -7.61
C GLU B 12 -2.99 2.63 -6.52
N ASP B 13 -2.86 3.90 -6.16
CA ASP B 13 -3.66 4.50 -5.14
C ASP B 13 -4.83 5.24 -5.76
N SER B 14 -6.00 4.92 -5.28
CA SER B 14 -7.23 5.52 -5.76
C SER B 14 -7.41 6.92 -5.18
N LEU B 15 -8.16 7.76 -5.88
CA LEU B 15 -8.41 9.11 -5.42
C LEU B 15 -9.65 9.14 -4.52
N VAL B 16 -10.83 9.22 -5.12
CA VAL B 16 -12.06 9.24 -4.35
C VAL B 16 -13.02 8.16 -4.85
N GLU B 17 -12.90 6.99 -4.28
CA GLU B 17 -13.74 5.86 -4.64
C GLU B 17 -15.01 5.88 -3.80
N ASP B 18 -14.83 6.23 -2.52
CA ASP B 18 -15.93 6.31 -1.56
C ASP B 18 -16.55 4.95 -1.31
N SER B 19 -15.73 3.91 -1.40
CA SER B 19 -16.18 2.54 -1.18
C SER B 19 -16.02 2.17 0.28
N GLU B 20 -15.42 3.06 1.04
CA GLU B 20 -15.17 2.86 2.47
C GLU B 20 -16.49 2.72 3.22
N THR A 1 -2.55 -1.58 -16.84
CA THR A 1 -2.70 -0.13 -16.72
C THR A 1 -3.73 0.21 -15.63
N ARG A 2 -3.63 -0.47 -14.50
CA ARG A 2 -4.55 -0.27 -13.39
C ARG A 2 -4.23 1.02 -12.64
N LYS A 3 -5.27 1.66 -12.12
CA LYS A 3 -5.12 2.90 -11.38
C LYS A 3 -5.20 2.62 -9.88
N LYS A 4 -5.10 1.34 -9.56
CA LYS A 4 -5.14 0.90 -8.18
C LYS A 4 -3.92 0.03 -7.89
N ARG A 5 -3.62 -0.14 -6.61
CA ARG A 5 -2.48 -0.95 -6.22
C ARG A 5 -2.79 -2.43 -6.48
N CYS A 6 -1.75 -3.25 -6.53
CA CYS A 6 -1.91 -4.68 -6.77
C CYS A 6 -2.90 -5.30 -5.80
N PRO A 7 -3.64 -6.34 -6.24
CA PRO A 7 -4.64 -7.03 -5.41
C PRO A 7 -4.05 -7.50 -4.08
N TYR A 8 -4.57 -6.95 -3.00
CA TYR A 8 -4.12 -7.29 -1.67
C TYR A 8 -5.00 -8.35 -1.06
N THR A 9 -4.36 -9.33 -0.47
CA THR A 9 -5.06 -10.44 0.17
C THR A 9 -5.61 -9.99 1.52
N LYS A 10 -6.54 -10.74 2.08
CA LYS A 10 -7.12 -10.41 3.37
C LYS A 10 -6.02 -10.35 4.43
N TYR A 11 -5.19 -11.38 4.45
CA TYR A 11 -4.10 -11.46 5.42
C TYR A 11 -3.16 -10.26 5.26
N GLN A 12 -2.84 -9.96 4.01
CA GLN A 12 -1.96 -8.83 3.70
C GLN A 12 -2.60 -7.54 4.18
N THR A 13 -3.87 -7.34 3.84
CA THR A 13 -4.59 -6.15 4.25
C THR A 13 -4.58 -6.04 5.77
N LEU A 14 -4.84 -7.15 6.44
CA LEU A 14 -4.85 -7.19 7.90
C LEU A 14 -3.48 -6.80 8.47
N GLU A 15 -2.43 -7.29 7.82
CA GLU A 15 -1.07 -7.01 8.24
C GLU A 15 -0.76 -5.53 8.10
N LEU A 16 -1.10 -4.97 6.93
CA LEU A 16 -0.89 -3.57 6.65
C LEU A 16 -1.68 -2.71 7.64
N GLU A 17 -2.92 -3.12 7.89
CA GLU A 17 -3.79 -2.44 8.80
C GLU A 17 -3.20 -2.46 10.21
N LYS A 18 -2.76 -3.64 10.64
CA LYS A 18 -2.15 -3.83 11.95
C LYS A 18 -0.98 -2.89 12.15
N GLU A 19 -0.16 -2.75 11.12
CA GLU A 19 1.00 -1.87 11.17
C GLU A 19 0.58 -0.42 11.17
N PHE A 20 -0.29 -0.04 10.24
CA PHE A 20 -0.74 1.35 10.10
C PHE A 20 -1.51 1.82 11.35
N LEU A 21 -2.21 0.90 12.00
CA LEU A 21 -2.96 1.24 13.20
C LEU A 21 -2.04 1.51 14.38
N PHE A 22 -0.98 0.74 14.46
CA PHE A 22 0.00 0.89 15.52
C PHE A 22 0.95 2.04 15.24
N ASN A 23 1.43 2.08 14.01
CA ASN A 23 2.37 3.09 13.55
C ASN A 23 2.06 3.46 12.12
N MET A 24 1.47 4.62 11.94
CA MET A 24 1.11 5.14 10.62
C MET A 24 2.33 5.34 9.73
N TYR A 25 3.51 5.26 10.32
CA TYR A 25 4.74 5.41 9.57
C TYR A 25 5.72 4.33 10.00
N LEU A 26 6.69 4.08 9.14
CA LEU A 26 7.70 3.08 9.38
C LEU A 26 9.08 3.63 9.07
N THR A 27 10.06 3.06 9.72
CA THR A 27 11.44 3.46 9.51
C THR A 27 11.96 2.79 8.24
N ARG A 28 13.19 3.09 7.85
CA ARG A 28 13.76 2.50 6.64
C ARG A 28 13.87 0.99 6.79
N ASP A 29 14.42 0.55 7.91
CA ASP A 29 14.61 -0.87 8.18
C ASP A 29 13.27 -1.58 8.32
N ARG A 30 12.39 -1.00 9.10
CA ARG A 30 11.07 -1.59 9.32
C ARG A 30 10.30 -1.67 8.01
N ARG A 31 10.40 -0.62 7.20
CA ARG A 31 9.73 -0.57 5.91
C ARG A 31 10.25 -1.69 5.02
N TYR A 32 11.56 -1.84 5.00
CA TYR A 32 12.20 -2.87 4.19
C TYR A 32 11.84 -4.26 4.70
N GLU A 33 11.80 -4.43 6.01
CA GLU A 33 11.47 -5.71 6.61
C GLU A 33 10.02 -6.08 6.33
N VAL A 34 9.12 -5.15 6.61
CA VAL A 34 7.71 -5.37 6.36
C VAL A 34 7.50 -5.71 4.90
N ALA A 35 8.16 -4.95 4.03
CA ALA A 35 8.08 -5.17 2.60
C ALA A 35 8.58 -6.56 2.23
N ARG A 36 9.72 -6.95 2.81
CA ARG A 36 10.31 -8.24 2.55
C ARG A 36 9.35 -9.34 2.96
N VAL A 37 8.83 -9.24 4.18
CA VAL A 37 7.89 -10.23 4.69
C VAL A 37 6.66 -10.36 3.79
N LEU A 38 6.28 -9.26 3.14
CA LEU A 38 5.14 -9.25 2.24
C LEU A 38 5.54 -9.59 0.80
N ASN A 39 6.83 -9.88 0.60
CA ASN A 39 7.36 -10.23 -0.71
C ASN A 39 7.16 -9.07 -1.69
N LEU A 40 7.32 -7.86 -1.18
CA LEU A 40 7.18 -6.64 -1.96
C LEU A 40 8.32 -5.69 -1.63
N THR A 41 8.34 -4.51 -2.25
CA THR A 41 9.36 -3.53 -1.95
C THR A 41 8.81 -2.48 -1.01
N GLU A 42 9.65 -1.55 -0.61
CA GLU A 42 9.27 -0.50 0.33
C GLU A 42 8.21 0.41 -0.25
N ARG A 43 8.24 0.55 -1.57
CA ARG A 43 7.28 1.39 -2.28
C ARG A 43 5.86 0.90 -2.07
N GLN A 44 5.68 -0.42 -2.04
CA GLN A 44 4.35 -0.99 -1.85
C GLN A 44 3.80 -0.64 -0.48
N VAL A 45 4.67 -0.65 0.51
CA VAL A 45 4.28 -0.37 1.88
C VAL A 45 4.08 1.13 2.12
N LYS A 46 5.04 1.92 1.69
CA LYS A 46 5.00 3.36 1.87
C LYS A 46 3.76 3.97 1.24
N ILE A 47 3.49 3.60 0.01
CA ILE A 47 2.35 4.13 -0.71
C ILE A 47 1.03 3.57 -0.17
N TRP A 48 1.03 2.32 0.27
CA TRP A 48 -0.19 1.73 0.83
C TRP A 48 -0.59 2.48 2.10
N PHE A 49 0.42 2.82 2.91
CA PHE A 49 0.18 3.53 4.14
C PHE A 49 -0.45 4.89 3.86
N GLN A 50 0.03 5.53 2.82
CA GLN A 50 -0.47 6.83 2.41
C GLN A 50 -1.86 6.66 1.81
N ASN A 51 -2.04 5.57 1.07
CA ASN A 51 -3.29 5.24 0.44
C ASN A 51 -4.39 5.08 1.48
N ARG A 52 -4.08 4.32 2.52
CA ARG A 52 -5.01 4.09 3.61
C ARG A 52 -5.31 5.40 4.34
N ARG A 53 -4.28 6.22 4.50
CA ARG A 53 -4.43 7.51 5.16
C ARG A 53 -5.32 8.43 4.32
N MET A 54 -5.14 8.40 3.01
CA MET A 54 -5.95 9.22 2.13
C MET A 54 -7.38 8.68 2.09
N LYS A 55 -7.50 7.36 2.20
CA LYS A 55 -8.79 6.69 2.20
C LYS A 55 -9.60 7.11 3.42
N MET A 56 -8.90 7.45 4.47
CA MET A 56 -9.52 7.88 5.71
C MET A 56 -10.34 9.15 5.49
N LYS A 57 -9.77 10.05 4.71
CA LYS A 57 -10.40 11.33 4.42
C LYS A 57 -11.33 11.28 3.19
N LYS A 58 -10.80 10.86 2.04
CA LYS A 58 -11.60 10.82 0.82
C LYS A 58 -12.55 9.63 0.76
N MET A 59 -12.02 8.44 0.51
CA MET A 59 -12.84 7.23 0.40
C MET A 59 -13.21 6.71 1.77
N ASN A 60 -13.86 7.56 2.54
CA ASN A 60 -14.28 7.24 3.89
C ASN A 60 -15.42 6.23 3.87
N ASN B 1 -1.13 -9.00 -22.62
CA ASN B 1 -2.59 -8.78 -22.66
C ASN B 1 -3.10 -8.34 -21.30
N GLN B 2 -3.58 -7.10 -21.22
CA GLN B 2 -4.08 -6.52 -19.97
C GLN B 2 -2.95 -6.40 -18.94
N GLU B 3 -3.32 -6.19 -17.68
CA GLU B 3 -2.34 -6.06 -16.62
C GLU B 3 -2.21 -7.36 -15.84
N PHE B 4 -1.66 -8.37 -16.50
CA PHE B 4 -1.47 -9.67 -15.87
C PHE B 4 -0.04 -9.80 -15.35
N ASP B 5 0.85 -9.01 -15.92
CA ASP B 5 2.25 -9.02 -15.54
C ASP B 5 2.74 -7.60 -15.28
N SER B 6 3.63 -7.48 -14.30
CA SER B 6 4.22 -6.22 -13.90
C SER B 6 3.21 -5.26 -13.29
N GLU B 7 2.07 -5.80 -12.85
CA GLU B 7 1.04 -4.96 -12.24
C GLU B 7 0.88 -5.29 -10.78
N GLU B 8 1.84 -6.04 -10.24
CA GLU B 8 1.83 -6.39 -8.84
C GLU B 8 2.94 -5.63 -8.18
N GLU B 9 3.66 -4.94 -9.05
CA GLU B 9 4.77 -4.11 -8.65
C GLU B 9 4.29 -2.67 -8.56
N THR B 10 3.22 -2.41 -9.25
CA THR B 10 2.63 -1.08 -9.28
C THR B 10 1.92 -0.75 -7.96
N VAL B 11 2.20 0.44 -7.44
CA VAL B 11 1.59 0.88 -6.20
C VAL B 11 0.86 2.20 -6.45
N GLU B 12 -0.26 2.10 -7.15
CA GLU B 12 -1.06 3.27 -7.47
C GLU B 12 -1.75 3.83 -6.25
N ASP B 13 -1.62 5.14 -6.07
CA ASP B 13 -2.23 5.84 -4.95
C ASP B 13 -3.57 6.43 -5.34
N SER B 14 -4.08 6.00 -6.48
CA SER B 14 -5.37 6.48 -6.98
C SER B 14 -6.47 5.53 -6.52
N LEU B 15 -6.25 4.90 -5.37
CA LEU B 15 -7.19 3.96 -4.78
C LEU B 15 -8.24 4.72 -3.98
N VAL B 16 -7.94 5.97 -3.67
CA VAL B 16 -8.82 6.80 -2.87
C VAL B 16 -9.61 7.74 -3.77
N GLU B 17 -10.50 7.17 -4.55
CA GLU B 17 -11.31 7.96 -5.46
C GLU B 17 -12.75 8.06 -4.96
N ASP B 18 -12.97 8.93 -3.98
CA ASP B 18 -14.30 9.14 -3.41
C ASP B 18 -14.49 10.59 -3.04
N SER B 19 -15.42 11.25 -3.70
CA SER B 19 -15.70 12.64 -3.45
C SER B 19 -17.00 12.78 -2.66
N GLU B 20 -18.08 12.26 -3.23
CA GLU B 20 -19.39 12.31 -2.59
C GLU B 20 -20.33 11.31 -3.27
N THR A 1 1.64 -4.48 -13.72
CA THR A 1 0.51 -4.78 -14.62
C THR A 1 0.37 -3.70 -15.68
N ARG A 2 -0.86 -3.47 -16.14
CA ARG A 2 -1.13 -2.45 -17.16
C ARG A 2 -0.93 -1.05 -16.59
N LYS A 3 -1.07 -0.92 -15.27
CA LYS A 3 -0.89 0.36 -14.62
C LYS A 3 -0.84 0.20 -13.09
N LYS A 4 -1.96 -0.20 -12.52
CA LYS A 4 -2.06 -0.37 -11.08
C LYS A 4 -2.09 -1.85 -10.68
N ARG A 5 -1.11 -2.25 -9.87
CA ARG A 5 -1.00 -3.61 -9.39
C ARG A 5 -0.75 -3.64 -7.90
N CYS A 6 -1.23 -4.67 -7.23
CA CYS A 6 -0.99 -4.81 -5.81
C CYS A 6 -0.28 -6.13 -5.54
N PRO A 7 0.77 -6.11 -4.73
CA PRO A 7 1.53 -7.31 -4.40
C PRO A 7 1.11 -7.92 -3.08
N TYR A 8 -0.06 -7.55 -2.62
CA TYR A 8 -0.59 -8.03 -1.39
C TYR A 8 -1.95 -8.70 -1.58
N THR A 9 -2.15 -9.77 -0.87
CA THR A 9 -3.40 -10.50 -0.91
C THR A 9 -4.33 -9.91 0.15
N LYS A 10 -5.58 -10.33 0.19
CA LYS A 10 -6.52 -9.80 1.18
C LYS A 10 -6.01 -10.07 2.60
N TYR A 11 -5.47 -11.26 2.82
CA TYR A 11 -4.91 -11.62 4.11
C TYR A 11 -3.77 -10.69 4.48
N GLN A 12 -2.91 -10.45 3.50
CA GLN A 12 -1.77 -9.58 3.68
C GLN A 12 -2.23 -8.14 3.88
N THR A 13 -3.33 -7.77 3.24
CA THR A 13 -3.88 -6.42 3.39
C THR A 13 -4.40 -6.25 4.81
N LEU A 14 -5.07 -7.29 5.34
CA LEU A 14 -5.59 -7.27 6.69
C LEU A 14 -4.45 -7.11 7.68
N GLU A 15 -3.36 -7.82 7.42
CA GLU A 15 -2.18 -7.75 8.27
C GLU A 15 -1.56 -6.36 8.17
N LEU A 16 -1.50 -5.82 6.95
CA LEU A 16 -0.95 -4.50 6.72
C LEU A 16 -1.77 -3.46 7.48
N GLU A 17 -3.08 -3.63 7.49
CA GLU A 17 -4.00 -2.75 8.20
C GLU A 17 -3.69 -2.77 9.68
N LYS A 18 -3.51 -3.99 10.18
CA LYS A 18 -3.19 -4.23 11.59
C LYS A 18 -1.89 -3.51 11.97
N GLU A 19 -0.96 -3.45 11.02
CA GLU A 19 0.32 -2.77 11.24
C GLU A 19 0.12 -1.27 11.14
N PHE A 20 -0.69 -0.85 10.18
CA PHE A 20 -0.98 0.56 9.94
C PHE A 20 -1.55 1.22 11.19
N LEU A 21 -2.56 0.59 11.76
CA LEU A 21 -3.22 1.11 12.96
C LEU A 21 -2.23 1.14 14.12
N PHE A 22 -1.46 0.08 14.24
CA PHE A 22 -0.48 -0.06 15.31
C PHE A 22 0.60 1.01 15.18
N ASN A 23 1.14 1.13 13.99
CA ASN A 23 2.19 2.11 13.71
C ASN A 23 2.06 2.67 12.30
N MET A 24 1.34 3.79 12.18
CA MET A 24 1.15 4.44 10.90
C MET A 24 2.46 5.08 10.43
N TYR A 25 3.28 5.46 11.40
CA TYR A 25 4.57 6.06 11.11
C TYR A 25 5.64 4.98 10.98
N LEU A 26 6.43 5.06 9.93
CA LEU A 26 7.48 4.11 9.69
C LEU A 26 8.75 4.81 9.27
N THR A 27 9.81 4.05 9.24
CA THR A 27 11.11 4.55 8.83
C THR A 27 11.58 3.79 7.60
N ARG A 28 12.73 4.17 7.04
CA ARG A 28 13.26 3.50 5.87
C ARG A 28 13.48 2.02 6.14
N ASP A 29 14.12 1.73 7.26
CA ASP A 29 14.39 0.35 7.64
C ASP A 29 13.09 -0.40 7.93
N ARG A 30 12.25 0.20 8.75
CA ARG A 30 10.97 -0.41 9.11
C ARG A 30 10.12 -0.67 7.87
N ARG A 31 10.13 0.28 6.94
CA ARG A 31 9.36 0.14 5.71
C ARG A 31 9.89 -1.03 4.89
N TYR A 32 11.20 -1.11 4.77
CA TYR A 32 11.83 -2.20 4.02
C TYR A 32 11.64 -3.53 4.76
N GLU A 33 11.67 -3.48 6.08
CA GLU A 33 11.51 -4.67 6.89
C GLU A 33 10.11 -5.23 6.74
N VAL A 34 9.11 -4.39 6.98
CA VAL A 34 7.73 -4.80 6.85
C VAL A 34 7.48 -5.32 5.44
N ALA A 35 8.08 -4.63 4.48
CA ALA A 35 7.99 -4.99 3.07
C ALA A 35 8.56 -6.40 2.83
N ARG A 36 9.76 -6.64 3.35
CA ARG A 36 10.44 -7.92 3.19
C ARG A 36 9.69 -9.01 3.93
N VAL A 37 9.22 -8.67 5.11
CA VAL A 37 8.46 -9.59 5.95
C VAL A 37 7.27 -10.18 5.19
N LEU A 38 6.60 -9.36 4.39
CA LEU A 38 5.45 -9.83 3.64
C LEU A 38 5.86 -10.28 2.25
N ASN A 39 5.81 -9.35 1.30
CA ASN A 39 6.17 -9.63 -0.08
C ASN A 39 6.07 -8.34 -0.90
N LEU A 40 6.40 -7.23 -0.26
CA LEU A 40 6.33 -5.93 -0.92
C LEU A 40 7.67 -5.21 -0.85
N THR A 41 7.71 -4.01 -1.39
CA THR A 41 8.90 -3.20 -1.37
C THR A 41 8.65 -2.00 -0.47
N GLU A 42 9.67 -1.20 -0.24
CA GLU A 42 9.54 -0.02 0.60
C GLU A 42 8.52 0.92 -0.02
N ARG A 43 8.55 1.00 -1.34
CA ARG A 43 7.64 1.84 -2.08
C ARG A 43 6.23 1.27 -2.07
N GLN A 44 6.12 -0.04 -2.24
CA GLN A 44 4.83 -0.69 -2.25
C GLN A 44 4.13 -0.52 -0.91
N VAL A 45 4.90 -0.59 0.17
CA VAL A 45 4.35 -0.44 1.51
C VAL A 45 4.09 1.05 1.80
N LYS A 46 5.03 1.89 1.39
CA LYS A 46 4.92 3.34 1.62
C LYS A 46 3.68 3.92 0.96
N ILE A 47 3.47 3.54 -0.29
CA ILE A 47 2.33 4.03 -1.05
C ILE A 47 1.01 3.54 -0.46
N TRP A 48 0.94 2.27 -0.10
CA TRP A 48 -0.27 1.72 0.49
C TRP A 48 -0.56 2.42 1.81
N PHE A 49 0.49 2.60 2.61
CA PHE A 49 0.37 3.24 3.90
C PHE A 49 -0.08 4.68 3.75
N GLN A 50 0.44 5.36 2.75
CA GLN A 50 0.09 6.73 2.50
C GLN A 50 -1.33 6.82 1.96
N ASN A 51 -1.69 5.86 1.12
CA ASN A 51 -3.00 5.81 0.53
C ASN A 51 -4.06 5.61 1.60
N ARG A 52 -3.81 4.66 2.50
CA ARG A 52 -4.71 4.37 3.59
C ARG A 52 -4.90 5.61 4.47
N ARG A 53 -3.82 6.32 4.69
CA ARG A 53 -3.84 7.53 5.51
C ARG A 53 -4.58 8.65 4.78
N MET A 54 -4.30 8.79 3.49
CA MET A 54 -4.94 9.82 2.68
C MET A 54 -6.45 9.59 2.61
N LYS A 55 -6.84 8.33 2.63
CA LYS A 55 -8.24 7.96 2.57
C LYS A 55 -8.98 8.37 3.83
N MET A 56 -8.26 8.47 4.92
CA MET A 56 -8.84 8.85 6.19
C MET A 56 -9.10 10.35 6.24
N LYS A 57 -8.16 11.10 5.70
CA LYS A 57 -8.24 12.57 5.70
C LYS A 57 -8.99 13.13 4.49
N LYS A 58 -8.66 12.67 3.29
CA LYS A 58 -9.26 13.18 2.07
C LYS A 58 -10.59 12.49 1.76
N MET A 59 -10.62 11.16 1.88
CA MET A 59 -11.85 10.41 1.61
C MET A 59 -12.76 10.44 2.82
N ASN A 60 -13.12 11.63 3.23
CA ASN A 60 -13.97 11.83 4.39
C ASN A 60 -15.33 12.35 3.95
N ASN B 1 5.88 10.85 -30.14
CA ASN B 1 4.61 10.59 -29.43
C ASN B 1 4.84 9.70 -28.22
N GLN B 2 4.02 9.87 -27.19
CA GLN B 2 4.13 9.08 -25.98
C GLN B 2 2.74 8.63 -25.52
N GLU B 3 1.87 8.45 -26.49
CA GLU B 3 0.50 8.02 -26.21
C GLU B 3 0.37 6.53 -26.48
N PHE B 4 1.44 5.80 -26.19
CA PHE B 4 1.49 4.37 -26.42
C PHE B 4 0.61 3.62 -25.40
N ASP B 5 0.99 3.68 -24.13
CA ASP B 5 0.24 2.98 -23.10
C ASP B 5 0.58 3.53 -21.72
N SER B 6 0.13 2.82 -20.70
CA SER B 6 0.36 3.20 -19.33
C SER B 6 1.46 2.32 -18.72
N GLU B 7 2.50 2.98 -18.28
CA GLU B 7 3.64 2.32 -17.67
C GLU B 7 4.43 3.33 -16.85
N GLU B 8 3.69 4.13 -16.09
CA GLU B 8 4.29 5.15 -15.26
C GLU B 8 3.91 4.90 -13.83
N GLU B 9 3.07 3.90 -13.64
CA GLU B 9 2.62 3.54 -12.33
C GLU B 9 3.00 2.09 -12.02
N THR B 10 2.61 1.61 -10.86
CA THR B 10 2.89 0.24 -10.44
C THR B 10 2.03 -0.15 -9.26
N VAL B 11 2.32 0.47 -8.14
CA VAL B 11 1.62 0.21 -6.90
C VAL B 11 0.22 0.80 -6.93
N GLU B 12 -0.74 -0.08 -7.21
CA GLU B 12 -2.15 0.26 -7.33
C GLU B 12 -2.61 1.37 -6.38
N ASP B 13 -2.89 2.52 -6.98
CA ASP B 13 -3.36 3.67 -6.26
C ASP B 13 -4.88 3.74 -6.43
N SER B 14 -5.42 4.95 -6.53
CA SER B 14 -6.86 5.16 -6.71
C SER B 14 -7.66 4.59 -5.54
N LEU B 15 -7.08 4.66 -4.35
CA LEU B 15 -7.74 4.18 -3.15
C LEU B 15 -8.51 5.33 -2.52
N VAL B 16 -8.00 6.52 -2.74
CA VAL B 16 -8.59 7.74 -2.21
C VAL B 16 -9.31 8.46 -3.34
N GLU B 17 -10.47 7.93 -3.74
CA GLU B 17 -11.24 8.49 -4.84
C GLU B 17 -12.12 9.67 -4.39
N ASP B 18 -12.59 9.62 -3.15
CA ASP B 18 -13.42 10.68 -2.61
C ASP B 18 -12.57 11.90 -2.30
N SER B 19 -12.52 12.82 -3.26
CA SER B 19 -11.73 14.02 -3.12
C SER B 19 -12.61 15.21 -2.77
N GLU B 20 -13.70 15.37 -3.52
CA GLU B 20 -14.64 16.47 -3.30
C GLU B 20 -13.91 17.81 -3.36
N THR A 1 -2.50 6.04 -9.90
CA THR A 1 -2.49 4.62 -10.32
C THR A 1 -3.90 4.03 -10.26
N ARG A 2 -4.61 4.12 -11.38
CA ARG A 2 -5.96 3.59 -11.46
C ARG A 2 -5.97 2.12 -11.83
N LYS A 3 -4.80 1.58 -12.18
CA LYS A 3 -4.67 0.19 -12.55
C LYS A 3 -4.83 -0.72 -11.32
N LYS A 4 -4.79 -0.10 -10.14
CA LYS A 4 -4.94 -0.81 -8.87
C LYS A 4 -3.76 -1.73 -8.57
N ARG A 5 -3.68 -2.20 -7.34
CA ARG A 5 -2.62 -3.09 -6.91
C ARG A 5 -3.04 -4.54 -7.10
N CYS A 6 -2.08 -5.46 -7.00
CA CYS A 6 -2.35 -6.87 -7.14
C CYS A 6 -3.34 -7.35 -6.07
N PRO A 7 -4.07 -8.44 -6.34
CA PRO A 7 -5.05 -8.98 -5.39
C PRO A 7 -4.40 -9.52 -4.12
N TYR A 8 -4.26 -8.64 -3.13
CA TYR A 8 -3.69 -9.01 -1.85
C TYR A 8 -4.75 -9.72 -1.03
N THR A 9 -4.34 -10.79 -0.38
CA THR A 9 -5.25 -11.58 0.43
C THR A 9 -5.60 -10.85 1.72
N LYS A 10 -6.70 -11.24 2.34
CA LYS A 10 -7.16 -10.64 3.58
C LYS A 10 -6.09 -10.74 4.66
N TYR A 11 -5.43 -11.89 4.73
CA TYR A 11 -4.37 -12.11 5.71
C TYR A 11 -3.26 -11.09 5.56
N GLN A 12 -2.81 -10.89 4.33
CA GLN A 12 -1.76 -9.94 4.04
C GLN A 12 -2.20 -8.53 4.39
N THR A 13 -3.43 -8.21 3.98
CA THR A 13 -4.01 -6.91 4.23
C THR A 13 -4.10 -6.63 5.73
N LEU A 14 -4.66 -7.57 6.47
CA LEU A 14 -4.82 -7.43 7.91
C LEU A 14 -3.47 -7.29 8.60
N GLU A 15 -2.48 -8.02 8.12
CA GLU A 15 -1.15 -7.98 8.71
C GLU A 15 -0.53 -6.61 8.61
N LEU A 16 -0.52 -6.04 7.42
CA LEU A 16 0.07 -4.72 7.23
C LEU A 16 -0.78 -3.67 7.94
N GLU A 17 -2.10 -3.77 7.76
CA GLU A 17 -3.02 -2.85 8.40
C GLU A 17 -2.84 -2.87 9.91
N LYS A 18 -2.61 -4.06 10.46
CA LYS A 18 -2.41 -4.23 11.90
C LYS A 18 -1.16 -3.48 12.36
N GLU A 19 -0.08 -3.62 11.58
CA GLU A 19 1.18 -2.97 11.91
C GLU A 19 1.05 -1.46 11.77
N PHE A 20 0.23 -1.02 10.82
CA PHE A 20 0.01 0.40 10.60
C PHE A 20 -0.81 1.00 11.73
N LEU A 21 -1.80 0.25 12.19
CA LEU A 21 -2.64 0.70 13.28
C LEU A 21 -1.86 0.75 14.58
N PHE A 22 -0.94 -0.19 14.72
CA PHE A 22 -0.08 -0.26 15.90
C PHE A 22 0.96 0.85 15.87
N ASN A 23 1.65 0.93 14.75
CA ASN A 23 2.69 1.93 14.55
C ASN A 23 2.51 2.61 13.20
N MET A 24 1.75 3.69 13.19
CA MET A 24 1.51 4.45 11.97
C MET A 24 2.82 5.02 11.44
N TYR A 25 3.68 5.40 12.36
CA TYR A 25 4.98 5.94 12.05
C TYR A 25 6.01 4.82 12.09
N LEU A 26 6.82 4.74 11.06
CA LEU A 26 7.83 3.71 10.98
C LEU A 26 9.09 4.25 10.33
N THR A 27 10.10 3.41 10.27
CA THR A 27 11.37 3.76 9.66
C THR A 27 11.46 3.11 8.29
N ARG A 28 12.30 3.68 7.43
CA ARG A 28 12.48 3.15 6.09
C ARG A 28 12.98 1.71 6.15
N ASP A 29 13.97 1.47 7.00
CA ASP A 29 14.55 0.14 7.18
C ASP A 29 13.51 -0.84 7.69
N ARG A 30 12.73 -0.41 8.66
CA ARG A 30 11.69 -1.26 9.23
C ARG A 30 10.64 -1.56 8.17
N ARG A 31 10.29 -0.54 7.38
CA ARG A 31 9.32 -0.69 6.31
C ARG A 31 9.86 -1.66 5.27
N TYR A 32 11.14 -1.55 4.96
CA TYR A 32 11.77 -2.43 3.98
C TYR A 32 11.76 -3.85 4.51
N GLU A 33 12.01 -3.98 5.81
CA GLU A 33 12.02 -5.28 6.46
C GLU A 33 10.64 -5.91 6.40
N VAL A 34 9.66 -5.17 6.87
CA VAL A 34 8.28 -5.63 6.87
C VAL A 34 7.87 -6.03 5.45
N ALA A 35 8.26 -5.21 4.49
CA ALA A 35 7.97 -5.47 3.09
C ALA A 35 8.69 -6.73 2.61
N ARG A 36 9.95 -6.87 3.01
CA ARG A 36 10.76 -8.01 2.62
C ARG A 36 10.20 -9.29 3.22
N VAL A 37 9.75 -9.17 4.47
CA VAL A 37 9.14 -10.30 5.19
C VAL A 37 8.07 -10.96 4.35
N LEU A 38 7.29 -10.16 3.64
CA LEU A 38 6.22 -10.67 2.80
C LEU A 38 6.75 -10.89 1.38
N ASN A 39 6.74 -9.84 0.58
CA ASN A 39 7.22 -9.89 -0.80
C ASN A 39 7.07 -8.53 -1.48
N LEU A 40 6.92 -7.49 -0.68
CA LEU A 40 6.73 -6.15 -1.22
C LEU A 40 7.98 -5.31 -1.06
N THR A 41 7.91 -4.09 -1.58
CA THR A 41 9.02 -3.16 -1.46
C THR A 41 8.59 -1.99 -0.58
N GLU A 42 9.50 -1.05 -0.34
CA GLU A 42 9.22 0.10 0.50
C GLU A 42 8.09 0.94 -0.08
N ARG A 43 8.16 1.15 -1.38
CA ARG A 43 7.17 1.94 -2.08
C ARG A 43 5.77 1.36 -1.97
N GLN A 44 5.67 0.04 -2.03
CA GLN A 44 4.37 -0.60 -1.96
C GLN A 44 3.76 -0.40 -0.57
N VAL A 45 4.61 -0.47 0.44
CA VAL A 45 4.16 -0.34 1.82
C VAL A 45 3.85 1.13 2.14
N LYS A 46 4.64 2.03 1.60
CA LYS A 46 4.46 3.46 1.83
C LYS A 46 3.14 3.92 1.26
N ILE A 47 2.89 3.53 0.03
CA ILE A 47 1.67 3.92 -0.66
C ILE A 47 0.45 3.19 -0.10
N TRP A 48 0.62 1.92 0.27
CA TRP A 48 -0.49 1.15 0.81
C TRP A 48 -1.01 1.80 2.10
N PHE A 49 -0.11 2.24 2.96
CA PHE A 49 -0.50 2.88 4.20
C PHE A 49 -1.01 4.29 3.92
N GLN A 50 -0.48 4.88 2.87
CA GLN A 50 -0.88 6.20 2.44
C GLN A 50 -2.33 6.16 1.95
N ASN A 51 -2.66 5.02 1.35
CA ASN A 51 -4.01 4.79 0.84
C ASN A 51 -5.02 4.86 1.97
N ARG A 52 -4.64 4.31 3.13
CA ARG A 52 -5.51 4.33 4.30
C ARG A 52 -5.85 5.76 4.69
N ARG A 53 -4.84 6.63 4.63
CA ARG A 53 -5.03 8.03 4.97
C ARG A 53 -5.81 8.76 3.87
N MET A 54 -5.52 8.40 2.63
CA MET A 54 -6.19 9.01 1.48
C MET A 54 -7.68 8.72 1.49
N LYS A 55 -8.06 7.59 2.07
CA LYS A 55 -9.48 7.22 2.16
C LYS A 55 -10.22 8.20 3.05
N MET A 56 -9.52 8.77 4.02
CA MET A 56 -10.09 9.75 4.93
C MET A 56 -10.14 11.11 4.26
N LYS A 57 -9.01 11.50 3.68
CA LYS A 57 -8.87 12.78 3.00
C LYS A 57 -9.65 12.83 1.69
N LYS A 58 -10.08 11.66 1.21
CA LYS A 58 -10.84 11.55 -0.05
C LYS A 58 -12.00 12.53 -0.09
N MET A 59 -12.56 12.83 1.07
CA MET A 59 -13.66 13.74 1.18
C MET A 59 -13.67 14.35 2.58
N ASN A 60 -12.76 15.29 2.82
CA ASN A 60 -12.66 15.93 4.11
C ASN A 60 -11.93 17.27 3.99
N ASN B 1 -4.68 -22.22 -9.68
CA ASN B 1 -4.42 -20.78 -9.83
C ASN B 1 -2.94 -20.50 -9.79
N GLN B 2 -2.46 -19.73 -10.74
CA GLN B 2 -1.04 -19.39 -10.81
C GLN B 2 -0.85 -17.90 -10.55
N GLU B 3 0.21 -17.57 -9.83
CA GLU B 3 0.51 -16.18 -9.53
C GLU B 3 1.50 -15.64 -10.55
N PHE B 4 1.03 -15.37 -11.76
CA PHE B 4 1.88 -14.87 -12.83
C PHE B 4 1.45 -13.46 -13.24
N ASP B 5 0.37 -12.99 -12.66
CA ASP B 5 -0.16 -11.66 -12.95
C ASP B 5 -0.82 -11.08 -11.71
N SER B 6 -0.37 -11.52 -10.55
CA SER B 6 -0.95 -11.07 -9.30
C SER B 6 0.10 -10.63 -8.28
N GLU B 7 1.30 -10.26 -8.75
CA GLU B 7 2.34 -9.82 -7.83
C GLU B 7 3.42 -8.99 -8.53
N GLU B 8 3.04 -8.29 -9.59
CA GLU B 8 4.00 -7.46 -10.31
C GLU B 8 3.30 -6.27 -10.94
N GLU B 9 2.20 -5.85 -10.33
CA GLU B 9 1.44 -4.71 -10.82
C GLU B 9 1.98 -3.42 -10.19
N THR B 10 1.28 -2.33 -10.45
CA THR B 10 1.68 -1.03 -9.95
C THR B 10 1.09 -0.81 -8.56
N VAL B 11 1.76 0.01 -7.77
CA VAL B 11 1.32 0.31 -6.42
C VAL B 11 0.12 1.26 -6.42
N GLU B 12 -1.05 0.66 -6.28
CA GLU B 12 -2.34 1.37 -6.24
C GLU B 12 -2.25 2.67 -5.45
N ASP B 13 -2.49 3.78 -6.13
CA ASP B 13 -2.43 5.09 -5.53
C ASP B 13 -3.38 6.02 -6.27
N SER B 14 -3.88 7.03 -5.57
CA SER B 14 -4.80 8.02 -6.13
C SER B 14 -6.18 7.40 -6.39
N LEU B 15 -7.22 8.13 -6.00
CA LEU B 15 -8.59 7.67 -6.17
C LEU B 15 -9.54 8.86 -5.99
N VAL B 16 -9.55 9.39 -4.78
CA VAL B 16 -10.39 10.53 -4.45
C VAL B 16 -9.52 11.56 -3.74
N GLU B 17 -8.89 12.42 -4.52
CA GLU B 17 -8.02 13.45 -3.96
C GLU B 17 -8.83 14.62 -3.43
N ASP B 18 -9.62 14.36 -2.39
CA ASP B 18 -10.47 15.36 -1.75
C ASP B 18 -11.43 15.98 -2.77
N SER B 19 -11.85 15.16 -3.71
CA SER B 19 -12.76 15.59 -4.76
C SER B 19 -14.20 15.64 -4.26
N GLU B 20 -14.44 15.09 -3.07
CA GLU B 20 -15.76 15.05 -2.47
C GLU B 20 -16.76 14.38 -3.42
#